data_9NL3
#
_entry.id   9NL3
#
_cell.length_a   1.00
_cell.length_b   1.00
_cell.length_c   1.00
_cell.angle_alpha   90.00
_cell.angle_beta   90.00
_cell.angle_gamma   90.00
#
_symmetry.space_group_name_H-M   'P 1'
#
loop_
_entity.id
_entity.type
_entity.pdbx_description
1 polymer 'R2 retrotransposon protein'
2 polymer 'Bottom strand for target rDNA'
3 polymer Primer
4 polymer "3'UTR RNA"
5 polymer 'Top strand for target rDNA'
6 non-polymer 'ZINC ION'
7 non-polymer 'MAGNESIUM ION'
8 non-polymer "THYMIDINE-5'-TRIPHOSPHATE"
#
loop_
_entity_poly.entity_id
_entity_poly.type
_entity_poly.pdbx_seq_one_letter_code
_entity_poly.pdbx_strand_id
1 'polypeptide(L)'
;MVTVPDKNPPCPCCGTRVNSVLNLIEHLKVSHGKRGVCFRCAKCGKENSNYHSVVCHFPKCRGPETEKAPAGEWICEVCN
RDFTTKIGLGQHKRLAHPAVRNQERIVASQPKETSNRGAHKRCWTKEEEELLIRLEAQFEGNKNINKLIAEHITTKTAKQ
ISDKRRLLSRKPAEEPREEPGTCHHTRRAAASLRTEPEMSHHAQAEDRDNGPGRRPLPGRAAAGGRTMDEIRRHPDKGNG
QQRPTKQKSEEQLQAYYKKTLEERLSAGALNTFPRAFKQVMEGRDIKLVINQTAQDCFGCLESISQIRTATRDKKDTVTR
EKHPKKPFQKWMKDRAIKKGNYLRFQRLFYLDRGKLAKIILDDIECLSCDIPLSEIYSVFKTRWETTGSFKSLGDFKTYG
KADNTAFRELITAKEIEKNVQEMSKGSAPGPDGITLGDVVKMDPEFSRTMEIFNLWLTTGKIPDMVRGCRTVLIPKSSKP
DRLKDINNWRPITIGSILLRLFSRIVTARLSKACPLNPRQRGFIRAAGCSENLKLLQTIIWSAKREHRPLGVVFVDIAKA
FDTVSHQHIIHALQQREVDPHIVGLVSNMYENISTYITTKRNTHTDKIQIRVGVKQGDPMSPLLFNLAMDPLLCKLEESG
KGYHRGQSSITAMAFADDLVLLSDSWENMNTNISILETFCNLTGLKTQGQKCHGFYIKPTKDSYTINDCAAWTINGTPLN
MIDPGESEKYLGLQFDPWIGIARSGLSTKLDFWLQRIDQAPLKPLQKTDILKTYTIPRLIYIADHSEVKTALLETLDQKI
RTAVKEWLHLPPCTCDAILYSSTRDGGLGITKLAGLIPSVQARRLHRIAQSSDDTMKCFMEKEKMEQLHKKLWIQAGGDR
ENIPSIWEAPPSSEPPNNVSTNSEWEAPTQKDKFPKPCNWRKNEFKKWTKLASQGRGIVNFERDKISNHWIQYYRRIPHR
KLLTALQLRANVYPTREFLARGRQDQYIKACRHCDADIESCAHIIGNCPVTQDARIKRHNYICELLLEEAKKKDWVVFKE
PHIRDSNKELYKPDLIFVKDARALVVDVTVRYEAAKSSLEEAAAEKVRKYKHLETEVRHLTNAKDVTFVGFPLGARGKWH
QDNFKLLTELGLSKSRQVKMAETFSTVALFSSVDIVHMFASRARKSMVM
;
A
2 'polydeoxyribonucleotide'
;(DT)(DT)(DA)(DG)(DA)(DT)(DG)(DA)(DC)(DG)(DA)(DG)(DG)(DC)(DA)(DT)(DT)(DT)(DG)(DG)
(DC)(DT)(DA)(DC)(DC)(DT)(DT)(DA)(DA)(DG)(DA)(DG)(DA)(DG)(DT)(DC)(DA)(DT)(DA)(DG)
(DT)(DT)(DA)(DC)(DT)(DC)(DC)(DC)(DG)(DC)(DC)(DG)(DT)(DT)(DT)(DA)(DC)(DC)(DC)(DG)
(DC)(DG)(DC)(DT)(DT)(DC)(DA)(DC)(DA)(DG)
;
B
3 'polydeoxyribonucleotide' (DG)(DG)(DC)(DA)(DT)(DT)(DT)(DG)(DG)(DC)(DT)(DA)(DT) P
4 'polyribonucleotide'
;UAGGGUAGAUAAUCUUUGUAUAGUGGGGGGGGAUCUCAUGUACCGGGUUUCUUUUAUUUGAUUUUCAAUAAAACAGACGG
UAGCUAGGUUCGCAAGGCAGCCACAAGCCAAAGAUAGGUAGGGUGCUCAUAGUGAGUAGGGACAGUGCCUUUUGAUUCAC
AACGCGUCAAUACCAUCUGACACGGAUACCCUUACCGGACUUGUCAUGAUCUCCCAGACUUGUCCAAGGUGGACGGGCCA
CCUUUACUUAACCCGGAAAAGGAACAUAUAUUAAUUAUAUGUGUUCGGAAAAUAGCC
;
R
5 'polydeoxyribonucleotide'
;(DC)(DT)(DG)(DT)(DG)(DA)(DA)(DG)(DC)(DG)(DC)(DG)(DG)(DG)(DT)(DA)(DA)(DA)(DC)(DG)
(DG)(DC)(DG)(DG)(DG)(DA)(DG)(DT)(DA)(DA)(DC)(DT)(DA)(DT)(DG)(DA)(DC)(DT)(DC)(DT)
(DC)(DT)(DT)(DA)(DA)(DG)(DG)(DT)(DA)(DG)(DC)(DC)(DA)(DA)(DA)(DT)(DG)(DC)(DC)(DT)
(DC)(DG)(DT)(DC)(DA)(DT)(DC)(DT)(DA)(DA)
;
T
#
# COMPACT_ATOMS: atom_id res chain seq x y z
N MET A 1 -23.69 -23.35 21.19
CA MET A 1 -23.10 -24.57 20.57
C MET A 1 -24.18 -25.39 19.87
N VAL A 2 -24.37 -25.10 18.59
CA VAL A 2 -25.42 -25.76 17.80
C VAL A 2 -24.92 -27.14 17.37
N THR A 3 -25.84 -27.97 16.88
CA THR A 3 -25.52 -29.35 16.52
C THR A 3 -25.75 -29.55 15.03
N VAL A 4 -25.20 -28.65 14.22
CA VAL A 4 -25.31 -28.69 12.76
C VAL A 4 -25.08 -30.12 12.28
N PRO A 5 -25.89 -30.61 11.33
CA PRO A 5 -27.07 -30.00 10.71
C PRO A 5 -28.33 -30.32 11.49
N ASP A 6 -29.18 -29.32 11.74
CA ASP A 6 -30.42 -29.51 12.48
C ASP A 6 -31.57 -28.94 11.68
N LYS A 7 -32.76 -29.52 11.88
CA LYS A 7 -33.96 -29.07 11.19
C LYS A 7 -34.66 -27.96 11.95
N ASN A 8 -34.84 -28.13 13.26
CA ASN A 8 -35.47 -27.12 14.12
C ASN A 8 -34.57 -26.92 15.33
N PRO A 9 -33.41 -26.30 15.15
CA PRO A 9 -32.42 -26.24 16.21
C PRO A 9 -32.89 -25.41 17.39
N PRO A 10 -32.99 -25.99 18.58
CA PRO A 10 -33.25 -25.17 19.77
C PRO A 10 -32.06 -24.32 20.11
N CYS A 11 -32.32 -23.11 20.61
CA CYS A 11 -31.25 -22.21 20.97
C CYS A 11 -30.45 -22.79 22.14
N PRO A 12 -29.12 -22.61 22.16
CA PRO A 12 -28.37 -22.94 23.38
C PRO A 12 -28.63 -21.89 24.44
N CYS A 13 -29.91 -21.65 24.69
CA CYS A 13 -30.38 -20.41 25.29
C CYS A 13 -31.65 -20.72 26.07
N CYS A 14 -32.46 -19.68 26.32
CA CYS A 14 -33.76 -19.85 26.95
C CYS A 14 -34.47 -21.11 26.48
N GLY A 15 -34.50 -21.33 25.17
CA GLY A 15 -35.02 -22.59 24.65
C GLY A 15 -35.86 -22.49 23.40
N THR A 16 -36.16 -21.27 22.94
CA THR A 16 -37.01 -21.12 21.77
C THR A 16 -36.41 -21.86 20.58
N ARG A 17 -37.28 -22.53 19.83
CA ARG A 17 -36.85 -23.33 18.69
C ARG A 17 -36.97 -22.51 17.41
N VAL A 18 -35.87 -22.36 16.70
CA VAL A 18 -35.83 -21.60 15.46
C VAL A 18 -35.96 -22.56 14.30
N ASN A 19 -36.34 -22.03 13.14
CA ASN A 19 -36.66 -22.83 11.97
C ASN A 19 -35.42 -23.20 11.17
N SER A 20 -34.31 -22.49 11.34
CA SER A 20 -33.09 -22.78 10.60
C SER A 20 -31.89 -22.35 11.42
N VAL A 21 -30.75 -23.01 11.19
CA VAL A 21 -29.54 -22.69 11.93
C VAL A 21 -29.10 -21.26 11.64
N LEU A 22 -29.27 -20.82 10.39
CA LEU A 22 -28.98 -19.41 10.07
C LEU A 22 -29.94 -18.50 10.83
N ASN A 23 -31.22 -18.84 10.84
CA ASN A 23 -32.17 -18.08 11.65
C ASN A 23 -31.83 -18.18 13.13
N LEU A 24 -31.27 -19.31 13.56
CA LEU A 24 -30.85 -19.43 14.96
C LEU A 24 -29.70 -18.48 15.26
N ILE A 25 -28.75 -18.35 14.35
CA ILE A 25 -27.67 -17.38 14.53
C ILE A 25 -28.24 -15.97 14.59
N GLU A 26 -29.24 -15.70 13.74
CA GLU A 26 -29.89 -14.39 13.79
C GLU A 26 -30.53 -14.14 15.14
N HIS A 27 -31.23 -15.15 15.67
CA HIS A 27 -31.87 -15.02 16.98
C HIS A 27 -30.85 -14.78 18.07
N LEU A 28 -29.73 -15.51 18.03
CA LEU A 28 -28.67 -15.29 19.01
C LEU A 28 -28.08 -13.88 18.90
N LYS A 29 -27.89 -13.41 17.66
CA LYS A 29 -27.32 -12.08 17.46
C LYS A 29 -28.24 -10.99 17.99
N VAL A 30 -29.54 -11.09 17.71
CA VAL A 30 -30.47 -10.01 18.00
C VAL A 30 -31.00 -10.15 19.42
N SER A 31 -31.73 -11.22 19.69
CA SER A 31 -32.41 -11.35 20.97
C SER A 31 -31.42 -11.44 22.12
N HIS A 32 -30.32 -12.16 21.93
CA HIS A 32 -29.39 -12.46 23.03
C HIS A 32 -28.14 -11.60 22.98
N GLY A 33 -27.47 -11.54 21.83
CA GLY A 33 -26.29 -10.71 21.69
C GLY A 33 -24.99 -11.50 21.75
N LYS A 34 -24.99 -12.69 21.16
CA LYS A 34 -23.80 -13.53 21.09
C LYS A 34 -23.41 -13.72 19.64
N ARG A 35 -22.14 -13.46 19.33
CA ARG A 35 -21.62 -13.51 17.96
C ARG A 35 -20.51 -14.55 17.80
N GLY A 36 -20.47 -15.56 18.67
CA GLY A 36 -19.40 -16.52 18.63
C GLY A 36 -19.86 -17.96 18.72
N VAL A 37 -21.12 -18.22 18.35
CA VAL A 37 -21.65 -19.56 18.42
C VAL A 37 -20.78 -20.48 17.59
N CYS A 38 -20.40 -21.62 18.17
CA CYS A 38 -19.60 -22.63 17.49
C CYS A 38 -20.49 -23.80 17.10
N PHE A 39 -20.24 -24.36 15.93
CA PHE A 39 -21.06 -25.44 15.37
C PHE A 39 -20.27 -26.73 15.38
N ARG A 40 -20.84 -27.77 15.96
CA ARG A 40 -20.23 -29.09 16.01
C ARG A 40 -20.99 -30.02 15.07
N CYS A 41 -20.24 -30.76 14.25
CA CYS A 41 -20.88 -31.69 13.31
C CYS A 41 -21.66 -32.74 14.07
N ALA A 42 -22.82 -33.11 13.51
CA ALA A 42 -23.67 -34.08 14.18
C ALA A 42 -23.00 -35.44 14.27
N LYS A 43 -22.24 -35.82 13.23
CA LYS A 43 -21.70 -37.17 13.15
C LYS A 43 -20.45 -37.32 14.02
N CYS A 44 -19.40 -36.55 13.75
CA CYS A 44 -18.13 -36.69 14.44
C CYS A 44 -17.92 -35.65 15.52
N GLY A 45 -18.87 -34.74 15.73
CA GLY A 45 -18.67 -33.67 16.68
C GLY A 45 -17.50 -32.75 16.36
N LYS A 46 -17.09 -32.67 15.08
CA LYS A 46 -16.03 -31.74 14.72
C LYS A 46 -16.54 -30.31 14.85
N GLU A 47 -15.78 -29.48 15.55
CA GLU A 47 -16.18 -28.12 15.87
C GLU A 47 -15.51 -27.14 14.92
N ASN A 48 -16.33 -26.26 14.33
CA ASN A 48 -15.84 -25.18 13.48
C ASN A 48 -16.64 -23.93 13.80
N SER A 49 -15.95 -22.79 13.87
CA SER A 49 -16.62 -21.53 14.16
C SER A 49 -17.48 -21.04 13.00
N ASN A 50 -17.37 -21.66 11.83
CA ASN A 50 -18.12 -21.27 10.65
C ASN A 50 -19.21 -22.30 10.38
N TYR A 51 -20.44 -21.82 10.22
CA TYR A 51 -21.61 -22.69 10.12
C TYR A 51 -21.59 -23.61 8.91
N HIS A 52 -21.73 -23.00 7.73
CA HIS A 52 -21.86 -23.76 6.46
C HIS A 52 -20.64 -24.66 6.23
N SER A 53 -19.47 -24.25 6.71
CA SER A 53 -18.32 -25.13 6.60
C SER A 53 -18.64 -26.49 7.19
N VAL A 54 -19.20 -26.52 8.40
CA VAL A 54 -19.60 -27.77 9.00
C VAL A 54 -20.74 -28.39 8.21
N VAL A 55 -21.64 -27.56 7.68
CA VAL A 55 -22.75 -28.09 6.89
C VAL A 55 -22.21 -28.84 5.67
N CYS A 56 -21.25 -28.26 4.97
CA CYS A 56 -20.64 -28.92 3.82
C CYS A 56 -19.84 -30.14 4.23
N HIS A 57 -19.19 -30.09 5.39
CA HIS A 57 -18.44 -31.25 5.88
C HIS A 57 -19.36 -32.44 6.12
N PHE A 58 -20.54 -32.19 6.70
CA PHE A 58 -21.37 -33.29 7.18
C PHE A 58 -21.63 -34.36 6.13
N PRO A 59 -22.06 -34.04 4.91
CA PRO A 59 -22.31 -35.12 3.94
C PRO A 59 -21.11 -36.02 3.71
N LYS A 60 -19.91 -35.46 3.72
CA LYS A 60 -18.69 -36.21 3.48
C LYS A 60 -18.00 -36.61 4.78
N CYS A 61 -18.70 -36.50 5.90
CA CYS A 61 -18.18 -36.95 7.18
C CYS A 61 -18.15 -38.48 7.22
N ARG A 62 -16.97 -39.04 7.44
CA ARG A 62 -16.80 -40.50 7.46
C ARG A 62 -16.98 -41.03 8.88
N GLY A 63 -18.17 -40.83 9.42
CA GLY A 63 -18.49 -41.31 10.74
C GLY A 63 -17.60 -40.69 11.80
N PRO A 64 -17.92 -40.94 13.08
CA PRO A 64 -17.05 -40.45 14.15
C PRO A 64 -15.68 -41.07 14.07
N GLU A 65 -14.67 -40.30 14.46
CA GLU A 65 -13.30 -40.80 14.48
C GLU A 65 -13.26 -42.05 15.35
N THR A 66 -12.98 -43.20 14.74
CA THR A 66 -13.11 -44.49 15.40
C THR A 66 -11.80 -45.27 15.28
N GLU A 67 -11.46 -46.00 16.34
CA GLU A 67 -10.32 -46.91 16.36
C GLU A 67 -9.09 -46.27 15.72
N LYS A 68 -8.58 -45.19 16.31
CA LYS A 68 -7.41 -44.50 15.77
C LYS A 68 -6.38 -45.50 15.25
N ALA A 69 -5.93 -45.27 14.02
CA ALA A 69 -5.04 -46.19 13.35
C ALA A 69 -3.81 -46.46 14.22
N PRO A 70 -3.04 -47.51 13.90
CA PRO A 70 -1.87 -47.83 14.73
C PRO A 70 -0.92 -46.65 14.82
N ALA A 71 -0.39 -46.44 16.02
CA ALA A 71 0.51 -45.31 16.28
C ALA A 71 1.93 -45.71 15.91
N GLY A 72 2.55 -44.93 15.02
CA GLY A 72 3.92 -45.18 14.62
C GLY A 72 4.86 -45.27 15.80
N GLU A 73 6.06 -45.79 15.57
CA GLU A 73 7.04 -45.98 16.63
C GLU A 73 8.02 -44.81 16.75
N TRP A 74 7.66 -43.64 16.24
CA TRP A 74 8.49 -42.45 16.33
C TRP A 74 7.63 -41.33 16.92
N ILE A 75 7.94 -40.94 18.15
CA ILE A 75 7.15 -39.98 18.91
C ILE A 75 7.95 -38.70 19.05
N CYS A 76 7.32 -37.57 18.71
CA CYS A 76 7.95 -36.28 18.93
C CYS A 76 8.05 -35.98 20.43
N GLU A 77 9.13 -35.34 20.82
CA GLU A 77 9.37 -34.99 22.21
C GLU A 77 8.72 -33.68 22.61
N VAL A 78 8.04 -33.00 21.68
CA VAL A 78 7.43 -31.70 21.93
C VAL A 78 5.91 -31.79 21.94
N CYS A 79 5.33 -32.46 20.95
CA CYS A 79 3.88 -32.53 20.81
C CYS A 79 3.33 -33.94 20.86
N ASN A 80 4.18 -34.96 20.99
CA ASN A 80 3.74 -36.35 21.09
C ASN A 80 2.86 -36.72 19.90
N ARG A 81 3.42 -36.57 18.70
CA ARG A 81 2.76 -36.97 17.46
C ARG A 81 3.53 -38.14 16.86
N ASP A 82 2.82 -39.23 16.58
CA ASP A 82 3.44 -40.43 16.04
C ASP A 82 3.62 -40.31 14.53
N PHE A 83 4.66 -40.97 14.02
CA PHE A 83 4.96 -40.97 12.60
C PHE A 83 5.40 -42.36 12.18
N THR A 84 5.16 -42.68 10.90
CA THR A 84 5.44 -44.01 10.39
C THR A 84 6.94 -44.29 10.34
N THR A 85 7.73 -43.31 9.90
CA THR A 85 9.15 -43.52 9.65
C THR A 85 9.97 -42.41 10.28
N LYS A 86 11.27 -42.67 10.41
CA LYS A 86 12.17 -41.69 11.02
C LYS A 86 12.22 -40.41 10.20
N ILE A 87 12.24 -40.52 8.88
CA ILE A 87 12.26 -39.33 8.04
C ILE A 87 11.03 -38.47 8.31
N GLY A 88 9.89 -39.11 8.56
CA GLY A 88 8.69 -38.36 8.89
C GLY A 88 8.86 -37.53 10.15
N LEU A 89 9.41 -38.15 11.20
CA LEU A 89 9.62 -37.41 12.45
C LEU A 89 10.61 -36.27 12.24
N GLY A 90 11.69 -36.52 11.48
CA GLY A 90 12.64 -35.46 11.22
C GLY A 90 12.02 -34.29 10.50
N GLN A 91 11.22 -34.58 9.47
CA GLN A 91 10.57 -33.50 8.72
C GLN A 91 9.55 -32.77 9.58
N HIS A 92 8.85 -33.50 10.45
CA HIS A 92 7.94 -32.84 11.38
C HIS A 92 8.69 -31.88 12.28
N LYS A 93 9.82 -32.32 12.83
CA LYS A 93 10.60 -31.45 13.71
C LYS A 93 11.11 -30.23 12.94
N ARG A 94 11.52 -30.42 11.70
CA ARG A 94 11.97 -29.29 10.88
C ARG A 94 10.84 -28.30 10.65
N LEU A 95 9.67 -28.80 10.27
CA LEU A 95 8.59 -27.95 9.78
C LEU A 95 7.70 -27.38 10.88
N ALA A 96 7.76 -27.94 12.09
CA ALA A 96 6.89 -27.53 13.18
C ALA A 96 7.63 -27.07 14.41
N HIS A 97 8.86 -27.54 14.63
CA HIS A 97 9.66 -27.16 15.79
C HIS A 97 11.04 -26.76 15.30
N PRO A 98 11.14 -25.62 14.61
CA PRO A 98 12.44 -25.23 14.06
C PRO A 98 13.53 -25.08 15.11
N ALA A 99 13.20 -24.55 16.28
CA ALA A 99 14.21 -24.40 17.33
C ALA A 99 14.67 -25.75 17.87
N VAL A 100 13.90 -26.81 17.65
CA VAL A 100 14.29 -28.14 18.08
C VAL A 100 15.16 -28.82 17.02
N ARG A 101 14.72 -28.80 15.77
CA ARG A 101 15.50 -29.40 14.70
C ARG A 101 16.83 -28.70 14.52
N ASN A 102 16.87 -27.39 14.79
CA ASN A 102 18.14 -26.67 14.73
C ASN A 102 19.14 -27.26 15.71
N GLN A 103 18.73 -27.45 16.97
CA GLN A 103 19.63 -28.03 17.96
C GLN A 103 19.99 -29.46 17.60
N GLU A 104 19.03 -30.21 17.05
CA GLU A 104 19.34 -31.57 16.61
C GLU A 104 20.44 -31.56 15.56
N ARG A 105 20.33 -30.67 14.57
CA ARG A 105 21.36 -30.58 13.55
C ARG A 105 22.71 -30.18 14.15
N ILE A 106 22.69 -29.21 15.08
CA ILE A 106 23.94 -28.76 15.69
C ILE A 106 24.61 -29.91 16.43
N VAL A 107 23.82 -30.68 17.19
CA VAL A 107 24.40 -31.81 17.93
C VAL A 107 24.95 -32.84 16.96
N ALA A 108 24.22 -33.14 15.89
CA ALA A 108 24.69 -34.12 14.92
C ALA A 108 25.98 -33.67 14.27
N SER A 109 26.13 -32.37 14.03
CA SER A 109 27.31 -31.88 13.34
C SER A 109 28.59 -32.11 14.14
N GLN A 110 28.52 -31.90 15.45
CA GLN A 110 29.73 -31.96 16.27
C GLN A 110 30.36 -33.34 16.20
N PRO A 111 31.66 -33.46 15.89
CA PRO A 111 32.28 -34.79 15.84
C PRO A 111 32.85 -35.23 17.19
N LYS A 112 33.47 -36.40 17.22
CA LYS A 112 34.08 -36.93 18.43
C LYS A 112 35.11 -38.00 18.03
N GLU A 113 35.66 -38.68 19.03
CA GLU A 113 36.66 -39.72 18.86
C GLU A 113 36.31 -40.94 19.71
N THR A 114 35.04 -41.35 19.63
CA THR A 114 34.54 -42.40 20.53
C THR A 114 35.27 -43.73 20.27
N SER A 115 35.41 -44.13 19.01
CA SER A 115 36.01 -45.42 18.66
C SER A 115 35.22 -46.57 19.31
N ASN A 116 33.98 -46.72 18.83
CA ASN A 116 33.02 -47.58 19.51
C ASN A 116 33.50 -49.03 19.57
N ARG A 117 34.11 -49.54 18.49
CA ARG A 117 34.51 -50.94 18.42
C ARG A 117 35.99 -51.03 18.05
N GLY A 118 36.68 -51.99 18.67
CA GLY A 118 38.07 -52.22 18.37
C GLY A 118 39.02 -51.29 19.10
N ALA A 119 38.82 -51.13 20.41
CA ALA A 119 39.67 -50.28 21.23
C ALA A 119 40.81 -51.14 21.78
N HIS A 120 41.89 -51.23 21.02
CA HIS A 120 43.04 -52.03 21.41
C HIS A 120 43.86 -51.24 22.41
N LYS A 121 43.83 -51.65 23.68
CA LYS A 121 44.50 -50.90 24.72
C LYS A 121 46.00 -50.86 24.46
N ARG A 122 46.54 -49.65 24.37
CA ARG A 122 47.99 -49.47 24.37
C ARG A 122 48.50 -49.58 25.80
N CYS A 123 49.42 -50.53 26.04
CA CYS A 123 50.07 -50.59 27.35
C CYS A 123 50.80 -49.29 27.63
N TRP A 124 51.11 -48.52 26.59
CA TRP A 124 51.50 -47.13 26.75
C TRP A 124 50.38 -46.36 27.44
N THR A 125 50.77 -45.45 28.33
CA THR A 125 49.81 -44.59 29.03
C THR A 125 50.48 -43.26 29.32
N LYS A 126 49.74 -42.36 29.97
CA LYS A 126 50.25 -41.03 30.27
C LYS A 126 51.69 -41.06 30.75
N GLU A 127 51.93 -41.82 31.83
CA GLU A 127 53.26 -41.96 32.42
C GLU A 127 54.30 -42.16 31.33
N GLU A 128 53.99 -43.00 30.35
CA GLU A 128 54.86 -43.22 29.21
C GLU A 128 54.48 -42.39 27.99
N GLU A 129 53.24 -41.90 27.93
CA GLU A 129 52.83 -41.08 26.80
C GLU A 129 53.70 -39.83 26.69
N GLU A 130 54.00 -39.20 27.83
CA GLU A 130 54.90 -38.06 27.80
C GLU A 130 56.37 -38.49 27.89
N LEU A 131 56.65 -39.54 28.65
CA LEU A 131 58.03 -39.98 28.81
C LEU A 131 58.64 -40.41 27.49
N LEU A 132 57.83 -40.91 26.54
CA LEU A 132 58.41 -41.39 25.29
C LEU A 132 58.79 -40.25 24.37
N ILE A 133 57.97 -39.19 24.31
CA ILE A 133 58.40 -38.01 23.57
C ILE A 133 59.65 -37.42 24.23
N ARG A 134 59.70 -37.45 25.57
CA ARG A 134 60.87 -36.90 26.25
C ARG A 134 62.13 -37.70 25.92
N LEU A 135 62.05 -39.04 25.95
CA LEU A 135 63.24 -39.85 25.70
C LEU A 135 63.60 -39.91 24.22
N GLU A 136 62.61 -39.89 23.33
CA GLU A 136 62.90 -39.81 21.91
C GLU A 136 63.58 -38.51 21.55
N ALA A 137 63.38 -37.46 22.34
CA ALA A 137 64.14 -36.22 22.22
C ALA A 137 65.38 -36.22 23.09
N GLN A 138 65.57 -37.24 23.92
CA GLN A 138 66.70 -37.27 24.85
C GLN A 138 67.96 -37.80 24.17
N PHE A 139 67.92 -39.05 23.70
CA PHE A 139 69.10 -39.68 23.09
C PHE A 139 69.05 -39.47 21.58
N GLU A 140 69.33 -38.24 21.17
CA GLU A 140 69.39 -37.84 19.78
C GLU A 140 70.85 -37.69 19.35
N GLY A 141 71.10 -37.98 18.07
CA GLY A 141 72.45 -38.03 17.57
C GLY A 141 72.94 -39.46 17.62
N ASN A 142 72.62 -40.17 18.71
CA ASN A 142 72.71 -41.62 18.72
C ASN A 142 71.58 -42.16 17.87
N LYS A 143 71.96 -42.56 16.66
CA LYS A 143 71.21 -43.56 15.90
C LYS A 143 71.25 -44.91 16.63
N ASN A 144 70.49 -45.89 16.17
CA ASN A 144 70.51 -47.23 16.70
C ASN A 144 70.49 -47.31 18.24
N ILE A 145 69.87 -46.35 18.94
CA ILE A 145 69.51 -46.36 20.38
C ILE A 145 68.67 -47.54 20.91
N ASN A 146 67.58 -47.23 21.66
CA ASN A 146 66.64 -48.13 22.37
C ASN A 146 67.30 -49.06 23.37
N LYS A 147 68.63 -49.10 23.40
CA LYS A 147 69.28 -49.94 24.40
C LYS A 147 68.97 -49.41 25.79
N LEU A 148 68.68 -48.11 25.88
CA LEU A 148 68.23 -47.46 27.10
C LEU A 148 66.72 -47.27 27.17
N ILE A 149 66.07 -47.11 26.01
CA ILE A 149 64.62 -46.92 26.00
C ILE A 149 63.93 -48.18 26.49
N ALA A 150 64.29 -49.34 25.92
CA ALA A 150 63.71 -50.60 26.37
C ALA A 150 63.87 -50.76 27.87
N GLU A 151 65.02 -50.34 28.40
CA GLU A 151 65.18 -50.30 29.86
C GLU A 151 64.18 -49.35 30.49
N HIS A 152 63.92 -48.20 29.84
CA HIS A 152 62.92 -47.28 30.36
C HIS A 152 61.53 -47.88 30.34
N ILE A 153 61.18 -48.58 29.26
CA ILE A 153 59.82 -49.11 29.08
C ILE A 153 59.84 -50.62 28.89
N THR A 154 60.70 -51.30 29.65
CA THR A 154 60.81 -52.77 29.57
C THR A 154 59.46 -53.44 29.46
N THR A 155 58.40 -52.81 29.99
CA THR A 155 57.07 -53.34 29.83
C THR A 155 56.75 -53.62 28.37
N LYS A 156 57.27 -52.80 27.46
CA LYS A 156 57.09 -52.98 26.03
C LYS A 156 58.27 -53.78 25.46
N THR A 157 58.36 -53.85 24.14
CA THR A 157 59.39 -54.62 23.45
C THR A 157 60.27 -53.67 22.62
N ALA A 158 61.15 -54.25 21.81
CA ALA A 158 62.10 -53.45 21.05
C ALA A 158 61.46 -52.86 19.79
N LYS A 159 61.01 -53.74 18.89
CA LYS A 159 60.48 -53.27 17.61
C LYS A 159 59.25 -52.41 17.79
N GLN A 160 58.38 -52.76 18.74
CA GLN A 160 57.20 -51.95 19.01
C GLN A 160 57.58 -50.60 19.60
N ILE A 161 58.57 -50.57 20.49
CA ILE A 161 59.04 -49.30 21.01
C ILE A 161 59.51 -48.42 19.86
N SER A 162 60.28 -48.99 18.92
CA SER A 162 60.68 -48.25 17.73
C SER A 162 59.46 -47.77 16.96
N ASP A 163 58.44 -48.60 16.85
CA ASP A 163 57.19 -48.17 16.22
C ASP A 163 56.60 -46.95 16.91
N LYS A 164 56.91 -46.78 18.20
CA LYS A 164 56.21 -45.78 19.01
C LYS A 164 56.78 -44.36 18.92
N ARG A 165 58.11 -44.27 18.92
CA ARG A 165 58.74 -42.95 18.66
C ARG A 165 58.74 -42.79 17.14
N ARG A 166 57.83 -43.52 16.48
CA ARG A 166 57.35 -43.22 15.10
C ARG A 166 55.91 -42.71 15.21
N LEU A 167 54.98 -43.54 15.72
CA LEU A 167 53.64 -43.03 15.98
C LEU A 167 53.67 -41.61 16.54
N LEU A 168 54.45 -41.40 17.61
CA LEU A 168 54.55 -40.09 18.25
C LEU A 168 55.32 -39.09 17.38
N SER A 169 56.18 -39.57 16.48
CA SER A 169 56.76 -38.67 15.50
C SER A 169 55.77 -38.34 14.38
N ARG A 170 54.83 -39.25 14.11
CA ARG A 170 53.84 -39.00 13.08
C ARG A 170 53.03 -37.74 13.40
N LYS A 171 52.58 -37.61 14.65
CA LYS A 171 51.81 -36.46 15.06
C LYS A 171 52.74 -35.34 15.54
N GLU A 250 38.36 24.66 -12.80
CA GLU A 250 37.73 24.10 -13.99
C GLU A 250 37.00 25.19 -14.76
N GLU A 251 35.85 25.63 -14.23
CA GLU A 251 35.12 26.74 -14.82
C GLU A 251 34.63 27.75 -13.78
N GLN A 252 34.82 27.49 -12.48
CA GLN A 252 34.42 28.42 -11.43
C GLN A 252 32.92 28.73 -11.52
N LEU A 253 32.14 27.70 -11.21
CA LEU A 253 30.68 27.76 -11.29
C LEU A 253 30.14 29.09 -10.79
N GLN A 254 30.80 29.68 -9.79
CA GLN A 254 30.49 31.06 -9.43
C GLN A 254 30.66 31.99 -10.63
N ALA A 255 31.82 31.91 -11.29
CA ALA A 255 32.06 32.74 -12.47
C ALA A 255 31.10 32.38 -13.59
N TYR A 256 30.81 31.10 -13.77
CA TYR A 256 29.85 30.70 -14.80
C TYR A 256 28.50 31.34 -14.56
N TYR A 257 27.99 31.25 -13.32
CA TYR A 257 26.72 31.88 -13.00
C TYR A 257 26.77 33.37 -13.25
N LYS A 258 27.88 34.02 -12.87
CA LYS A 258 28.00 35.46 -13.10
C LYS A 258 27.89 35.79 -14.59
N LYS A 259 28.61 35.05 -15.43
CA LYS A 259 28.56 35.31 -16.86
C LYS A 259 27.18 35.02 -17.44
N THR A 260 26.57 33.90 -17.02
CA THR A 260 25.23 33.57 -17.47
C THR A 260 24.26 34.70 -17.14
N LEU A 261 24.26 35.15 -15.89
CA LEU A 261 23.42 36.26 -15.50
C LEU A 261 23.71 37.48 -16.38
N GLU A 262 24.93 38.02 -16.29
CA GLU A 262 25.30 39.18 -17.09
C GLU A 262 24.74 39.11 -18.51
N GLU A 263 24.96 37.97 -19.19
CA GLU A 263 24.47 37.84 -20.56
C GLU A 263 22.94 37.89 -20.62
N ARG A 264 22.28 37.21 -19.69
CA ARG A 264 20.81 37.15 -19.72
C ARG A 264 20.19 38.49 -19.35
N LEU A 265 20.88 39.29 -18.54
CA LEU A 265 20.38 40.57 -18.06
C LEU A 265 20.69 41.70 -19.04
N SER A 266 21.75 41.57 -19.83
CA SER A 266 21.94 42.52 -20.93
C SER A 266 20.75 42.50 -21.87
N ALA A 267 20.05 41.38 -21.94
CA ALA A 267 18.79 41.29 -22.65
C ALA A 267 17.63 41.59 -21.70
N GLY A 268 16.41 41.53 -22.22
CA GLY A 268 15.23 41.78 -21.43
C GLY A 268 14.55 40.53 -20.93
N ALA A 269 15.28 39.41 -20.92
CA ALA A 269 14.68 38.14 -20.51
C ALA A 269 14.18 38.20 -19.08
N LEU A 270 15.09 38.39 -18.12
CA LEU A 270 14.74 38.47 -16.71
C LEU A 270 14.61 39.93 -16.30
N ASN A 271 13.47 40.27 -15.71
CA ASN A 271 13.13 41.67 -15.43
C ASN A 271 12.57 41.91 -14.03
N THR A 272 12.16 40.89 -13.29
CA THR A 272 11.42 41.10 -12.06
C THR A 272 12.24 41.88 -11.04
N PHE A 273 13.51 41.51 -10.86
CA PHE A 273 14.38 42.13 -9.87
C PHE A 273 15.69 42.53 -10.54
N PRO A 274 15.66 43.53 -11.41
CA PRO A 274 16.88 43.89 -12.14
C PRO A 274 17.82 44.78 -11.33
N ARG A 275 17.26 45.62 -10.45
CA ARG A 275 18.09 46.50 -9.65
C ARG A 275 18.77 45.76 -8.50
N ALA A 276 18.17 44.67 -8.02
CA ALA A 276 18.70 43.90 -6.92
C ALA A 276 19.69 42.83 -7.39
N PHE A 277 19.98 42.77 -8.69
CA PHE A 277 20.90 41.78 -9.23
C PHE A 277 22.27 42.35 -9.57
N LYS A 278 22.40 43.68 -9.66
CA LYS A 278 23.67 44.26 -10.08
C LYS A 278 24.66 44.35 -8.94
N GLN A 279 24.21 44.69 -7.73
CA GLN A 279 25.09 44.67 -6.57
C GLN A 279 25.49 43.25 -6.21
N VAL A 280 24.73 42.25 -6.65
CA VAL A 280 25.11 40.86 -6.41
C VAL A 280 26.32 40.48 -7.25
N MET A 281 26.40 40.99 -8.49
CA MET A 281 27.53 40.67 -9.34
C MET A 281 28.84 41.06 -8.67
N GLU A 282 28.91 42.30 -8.18
CA GLU A 282 30.03 42.79 -7.38
C GLU A 282 29.48 42.97 -5.96
N GLY A 283 29.54 41.89 -5.18
CA GLY A 283 28.91 41.85 -3.87
C GLY A 283 29.21 43.04 -2.99
N ARG A 284 28.16 43.79 -2.63
CA ARG A 284 28.26 44.91 -1.71
C ARG A 284 27.49 44.64 -0.43
N ASP A 285 26.20 44.35 -0.53
CA ASP A 285 25.35 44.03 0.61
C ASP A 285 24.48 42.82 0.27
N ILE A 286 25.13 41.77 -0.24
CA ILE A 286 24.43 40.62 -0.80
C ILE A 286 23.45 40.03 0.21
N LYS A 287 23.89 39.90 1.46
CA LYS A 287 23.03 39.30 2.48
C LYS A 287 21.70 40.06 2.58
N LEU A 288 21.81 41.38 2.71
CA LEU A 288 20.59 42.19 2.76
C LEU A 288 19.83 42.10 1.45
N VAL A 289 20.50 41.94 0.32
CA VAL A 289 19.76 41.79 -0.93
C VAL A 289 18.89 40.53 -0.87
N ILE A 290 19.45 39.42 -0.37
CA ILE A 290 18.65 38.20 -0.24
C ILE A 290 17.45 38.46 0.65
N ASN A 291 17.68 39.02 1.83
CA ASN A 291 16.57 39.18 2.77
C ASN A 291 15.55 40.21 2.28
N GLN A 292 16.03 41.32 1.70
CA GLN A 292 15.14 42.36 1.19
C GLN A 292 14.30 41.85 0.04
N THR A 293 14.91 41.17 -0.93
CA THR A 293 14.14 40.57 -2.01
C THR A 293 13.14 39.58 -1.47
N ALA A 294 13.58 38.74 -0.52
CA ALA A 294 12.68 37.79 0.12
C ALA A 294 11.43 38.50 0.62
N GLN A 295 11.58 39.41 1.59
CA GLN A 295 10.41 40.05 2.18
C GLN A 295 9.63 40.85 1.14
N ASP A 296 10.32 41.59 0.28
CA ASP A 296 9.64 42.42 -0.71
C ASP A 296 8.72 41.59 -1.60
N CYS A 297 9.02 40.31 -1.78
CA CYS A 297 8.16 39.44 -2.58
C CYS A 297 7.36 38.46 -1.73
N PHE A 298 7.67 38.34 -0.44
CA PHE A 298 7.06 37.33 0.42
C PHE A 298 6.01 37.89 1.36
N GLY A 299 6.08 39.18 1.70
CA GLY A 299 4.96 39.79 2.38
C GLY A 299 3.70 39.76 1.54
N CYS A 300 3.85 39.65 0.22
CA CYS A 300 2.70 39.47 -0.66
C CYS A 300 2.07 38.10 -0.46
N LEU A 301 2.85 37.03 -0.66
CA LEU A 301 2.30 35.69 -0.46
C LEU A 301 1.83 35.50 0.97
N GLU A 302 2.40 36.22 1.93
CA GLU A 302 1.88 36.18 3.29
C GLU A 302 0.54 36.89 3.38
N SER A 303 0.38 38.01 2.68
CA SER A 303 -0.86 38.77 2.74
C SER A 303 -2.03 38.00 2.16
N ILE A 304 -1.78 37.00 1.31
CA ILE A 304 -2.86 36.21 0.73
C ILE A 304 -3.16 34.94 1.52
N SER A 305 -2.38 34.66 2.57
CA SER A 305 -2.71 33.53 3.44
C SER A 305 -3.99 33.79 4.24
N GLN A 306 -4.23 35.05 4.61
CA GLN A 306 -5.44 35.38 5.32
C GLN A 306 -6.68 35.11 4.47
N ILE A 307 -6.53 35.08 3.15
CA ILE A 307 -7.65 34.72 2.29
C ILE A 307 -8.08 33.29 2.59
N ARG A 308 -7.11 32.39 2.77
CA ARG A 308 -7.43 31.02 3.18
C ARG A 308 -7.95 30.98 4.61
N THR A 309 -7.38 31.79 5.50
CA THR A 309 -7.83 31.75 6.88
C THR A 309 -9.25 32.26 7.04
N ALA A 310 -9.74 33.07 6.11
CA ALA A 310 -11.11 33.55 6.21
C ALA A 310 -12.11 32.42 6.03
N THR A 311 -11.90 31.55 5.05
CA THR A 311 -12.82 30.43 4.82
C THR A 311 -12.60 29.28 5.80
N ARG A 312 -11.48 29.27 6.52
CA ARG A 312 -11.20 28.24 7.50
C ARG A 312 -11.64 28.64 8.91
N ASP A 313 -12.36 29.75 9.05
CA ASP A 313 -12.77 30.23 10.37
C ASP A 313 -13.66 29.20 11.07
N LYS A 314 -14.54 28.55 10.31
CA LYS A 314 -15.49 27.58 10.88
C LYS A 314 -14.87 26.73 11.98
N PRO A 327 -30.94 15.05 33.62
CA PRO A 327 -31.91 15.62 32.69
C PRO A 327 -33.34 15.21 33.05
N PHE A 328 -34.27 15.38 32.11
CA PHE A 328 -35.60 14.82 32.29
C PHE A 328 -35.52 13.35 32.62
N GLN A 329 -34.74 12.60 31.84
CA GLN A 329 -34.53 11.19 32.04
C GLN A 329 -33.05 10.90 31.82
N LYS A 330 -32.59 9.77 32.37
CA LYS A 330 -31.20 9.40 32.19
C LYS A 330 -30.92 8.70 30.87
N TRP A 331 -31.94 8.22 30.17
CA TRP A 331 -31.73 7.66 28.84
C TRP A 331 -31.36 8.74 27.83
N MET A 332 -31.77 9.98 28.08
CA MET A 332 -31.36 11.07 27.21
C MET A 332 -29.85 11.19 27.17
N LYS A 333 -29.18 10.93 28.30
CA LYS A 333 -27.72 10.98 28.33
C LYS A 333 -27.11 9.95 27.40
N ASP A 334 -27.59 8.70 27.47
CA ASP A 334 -27.04 7.65 26.62
C ASP A 334 -27.33 7.92 25.16
N ARG A 335 -28.54 8.40 24.85
CA ARG A 335 -28.85 8.73 23.47
C ARG A 335 -27.99 9.88 22.97
N ALA A 336 -27.67 10.83 23.85
CA ALA A 336 -26.77 11.92 23.47
C ALA A 336 -25.37 11.39 23.19
N ILE A 337 -24.89 10.46 24.02
CA ILE A 337 -23.56 9.89 23.79
C ILE A 337 -23.52 9.16 22.46
N LYS A 338 -24.55 8.36 22.18
CA LYS A 338 -24.56 7.60 20.93
C LYS A 338 -24.64 8.54 19.72
N LYS A 339 -25.50 9.55 19.79
CA LYS A 339 -25.57 10.53 18.71
C LYS A 339 -24.28 11.29 18.56
N GLY A 340 -23.57 11.53 19.67
CA GLY A 340 -22.29 12.20 19.58
C GLY A 340 -21.24 11.37 18.86
N ASN A 341 -21.18 10.08 19.19
CA ASN A 341 -20.26 9.20 18.46
C ASN A 341 -20.61 9.17 16.97
N TYR A 342 -21.90 9.05 16.66
CA TYR A 342 -22.33 9.11 15.26
C TYR A 342 -21.84 10.40 14.62
N LEU A 343 -22.33 11.54 15.10
CA LEU A 343 -21.85 12.85 14.65
C LEU A 343 -20.36 12.86 14.39
N ARG A 344 -19.55 12.43 15.35
CA ARG A 344 -18.11 12.47 15.19
C ARG A 344 -17.69 11.69 13.96
N PHE A 345 -18.11 10.43 13.87
CA PHE A 345 -17.60 9.59 12.79
C PHE A 345 -18.14 10.02 11.43
N GLN A 346 -19.41 10.40 11.36
CA GLN A 346 -19.98 10.81 10.08
C GLN A 346 -19.47 12.17 9.63
N ARG A 347 -19.07 13.03 10.57
CA ARG A 347 -18.44 14.30 10.18
C ARG A 347 -17.02 14.06 9.70
N LEU A 348 -16.27 13.18 10.37
CA LEU A 348 -14.93 12.87 9.91
C LEU A 348 -14.96 12.19 8.55
N PHE A 349 -15.96 11.32 8.32
CA PHE A 349 -16.00 10.55 7.09
C PHE A 349 -16.02 11.45 5.86
N TYR A 350 -16.80 12.53 5.92
CA TYR A 350 -16.91 13.43 4.79
C TYR A 350 -15.94 14.61 4.87
N LEU A 351 -15.47 14.95 6.06
CA LEU A 351 -14.45 15.98 6.19
C LEU A 351 -13.10 15.46 5.73
N ASP A 352 -12.61 14.41 6.39
CA ASP A 352 -11.42 13.68 5.93
C ASP A 352 -11.64 12.21 6.25
N ARG A 353 -12.00 11.42 5.24
CA ARG A 353 -12.09 9.98 5.41
C ARG A 353 -10.77 9.41 5.89
N GLY A 354 -9.66 10.00 5.43
CA GLY A 354 -8.39 9.78 6.10
C GLY A 354 -8.40 10.34 7.50
N LYS A 355 -7.66 9.67 8.37
CA LYS A 355 -7.68 9.89 9.82
C LYS A 355 -8.94 9.30 10.44
N LEU A 356 -9.98 9.05 9.65
CA LEU A 356 -11.06 8.22 10.14
C LEU A 356 -10.72 6.76 9.94
N ALA A 357 -10.12 6.44 8.80
CA ALA A 357 -9.54 5.11 8.62
C ALA A 357 -8.57 4.78 9.75
N LYS A 358 -7.81 5.77 10.22
CA LYS A 358 -6.83 5.53 11.26
C LYS A 358 -7.41 5.58 12.66
N ILE A 359 -8.51 6.31 12.88
CA ILE A 359 -9.21 6.21 14.16
C ILE A 359 -9.87 4.86 14.29
N ILE A 360 -10.45 4.34 13.21
CA ILE A 360 -11.06 3.01 13.26
C ILE A 360 -9.98 1.95 13.37
N LEU A 361 -9.09 1.90 12.37
CA LEU A 361 -8.00 0.93 12.37
C LEU A 361 -6.78 1.53 13.05
N ASP A 362 -6.12 0.73 13.88
CA ASP A 362 -4.99 1.09 14.73
C ASP A 362 -5.41 1.87 15.97
N ASP A 363 -6.68 2.24 16.11
CA ASP A 363 -7.19 2.88 17.32
C ASP A 363 -6.25 3.97 17.83
N ILE A 364 -5.61 4.67 16.90
CA ILE A 364 -4.72 5.78 17.24
C ILE A 364 -5.55 7.06 17.28
N GLU A 365 -5.75 7.59 18.48
CA GLU A 365 -6.68 8.70 18.69
C GLU A 365 -6.00 10.03 18.36
N CYS A 366 -6.69 11.12 18.68
CA CYS A 366 -6.22 12.49 18.40
C CYS A 366 -5.56 13.12 19.62
N LEU A 367 -4.92 12.31 20.46
CA LEU A 367 -4.30 12.83 21.67
C LEU A 367 -3.26 13.89 21.36
N SER A 368 -3.19 14.90 22.22
CA SER A 368 -2.10 15.86 22.21
C SER A 368 -1.18 15.55 23.38
N CYS A 369 0.12 15.47 23.09
CA CYS A 369 1.08 15.11 24.13
C CYS A 369 0.94 16.06 25.33
N ASP A 370 0.86 15.48 26.52
CA ASP A 370 0.73 16.25 27.75
C ASP A 370 2.05 16.34 28.51
N ILE A 371 3.15 15.86 27.93
CA ILE A 371 4.43 15.99 28.61
C ILE A 371 4.73 17.47 28.81
N PRO A 372 5.26 17.89 29.96
CA PRO A 372 5.45 19.33 30.18
C PRO A 372 6.34 19.94 29.10
N LEU A 373 6.02 21.17 28.72
CA LEU A 373 6.81 21.85 27.69
C LEU A 373 8.25 22.03 28.11
N SER A 374 8.54 22.03 29.41
CA SER A 374 9.92 22.08 29.87
C SER A 374 10.62 20.77 29.61
N GLU A 375 9.94 19.65 29.84
CA GLU A 375 10.53 18.34 29.56
C GLU A 375 10.89 18.23 28.09
N ILE A 376 9.92 18.48 27.20
CA ILE A 376 10.18 18.39 25.77
C ILE A 376 11.28 19.37 25.38
N TYR A 377 11.20 20.59 25.91
CA TYR A 377 12.24 21.59 25.62
C TYR A 377 13.61 21.05 25.93
N SER A 378 13.82 20.55 27.15
CA SER A 378 15.15 20.11 27.56
C SER A 378 15.60 18.89 26.77
N VAL A 379 14.70 17.92 26.58
CA VAL A 379 15.05 16.71 25.85
C VAL A 379 15.54 17.07 24.45
N PHE A 380 14.73 17.81 23.70
CA PHE A 380 15.09 18.10 22.31
C PHE A 380 16.21 19.13 22.22
N LYS A 381 16.38 19.97 23.24
CA LYS A 381 17.52 20.88 23.23
C LYS A 381 18.81 20.10 23.36
N THR A 382 18.90 19.21 24.35
CA THR A 382 20.10 18.39 24.50
C THR A 382 20.29 17.45 23.32
N ARG A 383 19.21 17.08 22.63
CA ARG A 383 19.33 16.17 21.51
C ARG A 383 19.84 16.87 20.25
N TRP A 384 19.23 18.01 19.89
CA TRP A 384 19.56 18.68 18.64
C TRP A 384 20.65 19.73 18.83
N GLU A 385 20.54 20.56 19.86
CA GLU A 385 21.54 21.60 20.10
C GLU A 385 22.80 20.99 20.72
N THR A 386 23.38 20.06 19.99
CA THR A 386 24.59 19.34 20.42
C THR A 386 25.38 18.99 19.16
N THR A 387 26.32 19.85 18.80
CA THR A 387 27.11 19.65 17.60
C THR A 387 27.80 18.29 17.66
N GLY A 388 27.64 17.52 16.58
CA GLY A 388 28.23 16.19 16.54
C GLY A 388 29.75 16.24 16.53
N SER A 389 30.34 15.07 16.73
CA SER A 389 31.79 14.91 16.75
C SER A 389 32.19 14.15 15.49
N PHE A 390 32.38 14.91 14.41
CA PHE A 390 32.86 14.36 13.15
C PHE A 390 34.36 14.62 13.07
N LYS A 391 35.14 13.70 13.64
CA LYS A 391 36.58 13.86 13.64
C LYS A 391 37.13 13.94 12.21
N SER A 392 36.78 12.96 11.39
CA SER A 392 37.16 12.92 9.98
C SER A 392 36.52 11.67 9.38
N LEU A 393 36.66 11.53 8.07
CA LEU A 393 36.17 10.36 7.36
C LEU A 393 37.24 9.27 7.24
N GLY A 394 38.45 9.52 7.70
CA GLY A 394 39.48 8.50 7.70
C GLY A 394 39.79 8.00 6.31
N ASP A 395 40.10 6.70 6.23
CA ASP A 395 40.41 6.08 4.96
C ASP A 395 39.20 5.98 4.03
N PHE A 396 37.99 6.13 4.58
CA PHE A 396 36.79 5.95 3.79
C PHE A 396 36.74 6.97 2.64
N LYS A 397 36.45 6.49 1.45
CA LYS A 397 36.30 7.31 0.25
C LYS A 397 34.85 7.31 -0.20
N THR A 398 34.59 7.96 -1.32
CA THR A 398 33.25 8.06 -1.88
C THR A 398 33.21 7.45 -3.27
N TYR A 399 31.99 7.16 -3.73
CA TYR A 399 31.77 6.47 -5.00
C TYR A 399 31.90 7.47 -6.14
N GLY A 400 33.10 7.53 -6.73
CA GLY A 400 33.31 8.36 -7.89
C GLY A 400 33.45 9.83 -7.56
N LYS A 401 33.55 10.63 -8.62
CA LYS A 401 33.72 12.06 -8.52
C LYS A 401 32.39 12.77 -8.78
N ALA A 402 32.38 14.07 -8.50
CA ALA A 402 31.18 14.87 -8.73
C ALA A 402 31.05 15.22 -10.21
N ASP A 403 29.85 15.67 -10.57
CA ASP A 403 29.54 16.12 -11.93
C ASP A 403 28.90 17.49 -11.81
N ASN A 404 29.72 18.54 -11.79
CA ASN A 404 29.24 19.89 -11.55
C ASN A 404 28.46 20.47 -12.73
N THR A 405 28.49 19.81 -13.90
CA THR A 405 27.73 20.31 -15.04
C THR A 405 26.25 20.44 -14.70
N ALA A 406 25.77 19.65 -13.74
CA ALA A 406 24.37 19.74 -13.35
C ALA A 406 24.03 21.11 -12.81
N PHE A 407 24.95 21.73 -12.07
CA PHE A 407 24.67 23.02 -11.46
C PHE A 407 24.79 24.18 -12.44
N ARG A 408 25.42 23.98 -13.59
CA ARG A 408 25.73 25.11 -14.46
C ARG A 408 24.47 25.81 -14.94
N GLU A 409 23.54 25.06 -15.53
CA GLU A 409 22.38 25.68 -16.15
C GLU A 409 21.33 26.05 -15.09
N LEU A 410 20.63 27.15 -15.35
CA LEU A 410 19.91 27.89 -14.33
C LEU A 410 18.56 27.24 -14.04
N ILE A 411 17.83 27.84 -13.09
CA ILE A 411 16.50 27.39 -12.70
C ILE A 411 15.50 28.08 -13.62
N THR A 412 14.82 27.30 -14.46
CA THR A 412 13.83 27.82 -15.38
C THR A 412 12.43 27.57 -14.85
N ALA A 413 11.47 28.37 -15.34
CA ALA A 413 10.11 28.30 -14.82
C ALA A 413 9.54 26.90 -14.95
N LYS A 414 9.85 26.21 -16.05
CA LYS A 414 9.33 24.87 -16.25
C LYS A 414 9.92 23.88 -15.25
N GLU A 415 11.16 24.10 -14.81
CA GLU A 415 11.71 23.27 -13.75
C GLU A 415 10.92 23.42 -12.45
N ILE A 416 10.58 24.66 -12.10
CA ILE A 416 9.77 24.89 -10.89
C ILE A 416 8.41 24.25 -11.06
N GLU A 417 7.82 24.36 -12.25
CA GLU A 417 6.52 23.72 -12.49
C GLU A 417 6.62 22.22 -12.30
N LYS A 418 7.66 21.60 -12.85
CA LYS A 418 7.84 20.16 -12.69
C LYS A 418 7.95 19.78 -11.22
N ASN A 419 8.79 20.50 -10.47
CA ASN A 419 9.00 20.14 -9.08
C ASN A 419 7.75 20.37 -8.26
N VAL A 420 7.02 21.46 -8.53
CA VAL A 420 5.77 21.73 -7.81
C VAL A 420 4.77 20.62 -8.07
N GLN A 421 4.67 20.18 -9.33
CA GLN A 421 3.78 19.06 -9.64
C GLN A 421 4.28 17.78 -8.98
N GLU A 422 5.58 17.66 -8.72
CA GLU A 422 6.14 16.50 -8.04
C GLU A 422 6.05 16.59 -6.52
N MET A 423 5.64 17.73 -5.97
CA MET A 423 5.54 17.91 -4.53
C MET A 423 4.16 17.47 -4.05
N SER A 424 4.11 16.98 -2.81
CA SER A 424 2.84 16.56 -2.23
C SER A 424 1.86 17.73 -2.23
N LYS A 425 0.61 17.45 -2.61
CA LYS A 425 -0.36 18.51 -2.81
C LYS A 425 -0.82 19.09 -1.47
N GLY A 426 -1.42 18.26 -0.62
CA GLY A 426 -1.94 18.74 0.65
C GLY A 426 -0.90 18.82 1.74
N SER A 427 0.18 19.54 1.48
CA SER A 427 1.25 19.68 2.47
C SER A 427 0.92 20.79 3.45
N ALA A 428 1.23 20.55 4.72
CA ALA A 428 1.02 21.57 5.73
C ALA A 428 2.02 22.71 5.55
N PRO A 429 1.67 23.92 5.99
CA PRO A 429 2.59 25.05 5.85
C PRO A 429 3.67 25.04 6.92
N GLY A 430 4.70 25.84 6.68
CA GLY A 430 5.77 26.01 7.64
C GLY A 430 5.36 27.00 8.72
N PRO A 431 6.34 27.59 9.41
CA PRO A 431 6.00 28.54 10.47
C PRO A 431 5.74 29.94 9.94
N ASP A 432 5.06 30.03 8.79
CA ASP A 432 4.49 31.29 8.34
C ASP A 432 3.11 31.12 7.71
N GLY A 433 2.67 29.91 7.40
CA GLY A 433 1.37 29.68 6.83
C GLY A 433 1.32 29.60 5.31
N ILE A 434 2.43 29.83 4.63
CA ILE A 434 2.44 29.87 3.18
C ILE A 434 2.50 28.43 2.65
N THR A 435 1.44 28.00 1.98
CA THR A 435 1.35 26.68 1.39
C THR A 435 1.70 26.75 -0.09
N LEU A 436 1.58 25.60 -0.77
CA LEU A 436 1.83 25.57 -2.21
C LEU A 436 0.80 26.39 -2.96
N GLY A 437 -0.45 26.35 -2.51
CA GLY A 437 -1.49 27.13 -3.18
C GLY A 437 -1.19 28.62 -3.17
N ASP A 438 -0.62 29.12 -2.08
CA ASP A 438 -0.27 30.53 -2.02
C ASP A 438 0.73 30.89 -3.11
N VAL A 439 1.78 30.07 -3.26
CA VAL A 439 2.79 30.35 -4.29
C VAL A 439 2.16 30.24 -5.67
N VAL A 440 1.33 29.22 -5.89
CA VAL A 440 0.74 29.02 -7.21
C VAL A 440 -0.15 30.21 -7.58
N LYS A 441 -1.04 30.61 -6.68
CA LYS A 441 -1.93 31.72 -6.96
C LYS A 441 -1.17 33.02 -7.13
N MET A 442 -0.17 33.26 -6.27
CA MET A 442 0.63 34.48 -6.41
C MET A 442 1.38 34.51 -7.73
N ASP A 443 1.64 33.35 -8.34
CA ASP A 443 2.37 33.28 -9.60
C ASP A 443 2.05 31.98 -10.32
N PRO A 444 1.00 31.94 -11.13
CA PRO A 444 0.68 30.67 -11.82
C PRO A 444 1.78 30.23 -12.77
N GLU A 445 2.17 31.09 -13.71
CA GLU A 445 3.32 30.84 -14.57
C GLU A 445 4.54 31.34 -13.82
N PHE A 446 5.15 30.46 -13.04
CA PHE A 446 6.19 30.86 -12.09
C PHE A 446 7.23 31.75 -12.76
N SER A 447 7.27 33.02 -12.38
CA SER A 447 8.29 33.96 -12.82
C SER A 447 9.01 34.62 -11.65
N ARG A 448 8.25 35.13 -10.68
CA ARG A 448 8.89 35.74 -9.51
C ARG A 448 9.66 34.71 -8.71
N THR A 449 9.08 33.53 -8.51
CA THR A 449 9.80 32.46 -7.84
C THR A 449 10.99 32.01 -8.68
N MET A 450 10.81 31.92 -10.00
CA MET A 450 11.91 31.53 -10.86
C MET A 450 13.01 32.58 -10.86
N GLU A 451 12.72 33.80 -10.41
CA GLU A 451 13.75 34.81 -10.26
C GLU A 451 14.43 34.75 -8.90
N ILE A 452 13.64 34.60 -7.84
CA ILE A 452 14.21 34.59 -6.50
C ILE A 452 15.04 33.33 -6.27
N PHE A 453 14.62 32.19 -6.83
CA PHE A 453 15.41 30.98 -6.70
C PHE A 453 16.76 31.15 -7.38
N ASN A 454 16.78 31.73 -8.57
CA ASN A 454 18.05 31.99 -9.25
C ASN A 454 18.89 32.97 -8.45
N LEU A 455 18.27 33.97 -7.84
CA LEU A 455 19.01 34.92 -7.03
C LEU A 455 19.67 34.24 -5.84
N TRP A 456 18.96 33.31 -5.20
CA TRP A 456 19.56 32.55 -4.11
C TRP A 456 20.69 31.67 -4.61
N LEU A 457 20.43 30.89 -5.66
CA LEU A 457 21.42 29.93 -6.15
C LEU A 457 22.69 30.62 -6.61
N THR A 458 22.55 31.73 -7.34
CA THR A 458 23.72 32.48 -7.77
C THR A 458 24.49 33.07 -6.60
N THR A 459 23.88 33.16 -5.43
CA THR A 459 24.48 33.81 -4.29
C THR A 459 25.07 32.85 -3.26
N GLY A 460 24.57 31.62 -3.20
CA GLY A 460 25.01 30.71 -2.15
C GLY A 460 24.44 31.02 -0.79
N LYS A 461 23.38 31.83 -0.74
CA LYS A 461 22.75 32.20 0.52
C LYS A 461 21.24 32.11 0.35
N ILE A 462 20.54 31.96 1.47
CA ILE A 462 19.09 31.97 1.47
C ILE A 462 18.63 33.00 2.49
N PRO A 463 17.44 33.59 2.33
CA PRO A 463 17.02 34.65 3.25
C PRO A 463 16.88 34.12 4.67
N ASP A 464 17.12 35.01 5.63
CA ASP A 464 17.05 34.66 7.04
C ASP A 464 15.62 34.57 7.56
N MET A 465 14.63 34.59 6.67
CA MET A 465 13.24 34.38 7.09
C MET A 465 12.71 33.00 6.74
N VAL A 466 13.38 32.27 5.85
CA VAL A 466 12.97 30.92 5.51
C VAL A 466 13.74 29.87 6.32
N ARG A 467 14.88 30.22 6.90
CA ARG A 467 15.63 29.29 7.73
C ARG A 467 14.93 29.16 9.09
N GLY A 468 13.72 28.61 9.04
CA GLY A 468 12.93 28.37 10.22
C GLY A 468 11.94 27.26 9.94
N CYS A 469 11.51 26.59 11.01
CA CYS A 469 10.62 25.46 10.84
C CYS A 469 9.91 25.19 12.15
N ARG A 470 8.70 24.65 12.03
CA ARG A 470 7.86 24.30 13.17
C ARG A 470 7.90 22.79 13.33
N THR A 471 8.35 22.31 14.48
CA THR A 471 8.36 20.89 14.75
C THR A 471 7.08 20.50 15.46
N VAL A 472 6.61 19.29 15.20
CA VAL A 472 5.43 18.76 15.85
C VAL A 472 5.78 17.39 16.43
N LEU A 473 5.19 17.09 17.57
CA LEU A 473 5.34 15.81 18.24
C LEU A 473 4.03 15.06 18.03
N ILE A 474 4.04 14.10 17.11
CA ILE A 474 2.88 13.29 16.78
C ILE A 474 3.08 11.91 17.38
N PRO A 475 2.08 11.33 18.04
CA PRO A 475 2.30 10.12 18.82
C PRO A 475 2.67 8.92 17.96
N LYS A 476 3.01 7.83 18.66
CA LYS A 476 3.30 6.55 18.04
C LYS A 476 2.37 5.43 18.49
N SER A 477 1.64 5.62 19.59
CA SER A 477 0.73 4.60 20.10
C SER A 477 -0.09 5.21 21.22
N SER A 478 -1.33 4.72 21.37
CA SER A 478 -2.25 5.24 22.37
C SER A 478 -2.22 4.37 23.62
N LYS A 479 -1.09 4.45 24.34
CA LYS A 479 -0.89 3.73 25.59
C LYS A 479 -0.60 4.73 26.70
N PRO A 480 -1.60 5.05 27.57
CA PRO A 480 -1.37 6.05 28.62
C PRO A 480 -0.02 5.93 29.31
N ASP A 481 0.33 4.73 29.76
CA ASP A 481 1.64 4.54 30.37
C ASP A 481 2.76 4.92 29.40
N ARG A 482 2.50 4.83 28.10
CA ARG A 482 3.43 5.31 27.08
C ARG A 482 3.07 6.68 26.54
N LEU A 483 1.87 7.21 26.87
CA LEU A 483 1.60 8.61 26.60
C LEU A 483 2.35 9.52 27.57
N LYS A 484 2.88 8.96 28.66
CA LYS A 484 3.80 9.66 29.54
C LYS A 484 5.23 9.23 29.28
N ASP A 485 5.51 8.71 28.09
CA ASP A 485 6.84 8.31 27.67
C ASP A 485 7.33 9.28 26.61
N ILE A 486 8.58 9.72 26.74
CA ILE A 486 9.11 10.72 25.83
C ILE A 486 9.17 10.19 24.41
N ASN A 487 9.64 8.96 24.24
CA ASN A 487 9.90 8.41 22.90
C ASN A 487 8.67 7.83 22.24
N ASN A 488 7.47 8.13 22.73
CA ASN A 488 6.23 7.78 22.06
C ASN A 488 5.78 8.87 21.09
N TRP A 489 6.67 9.79 20.72
CA TRP A 489 6.33 10.89 19.85
C TRP A 489 7.45 11.10 18.85
N ARG A 490 7.10 11.71 17.71
CA ARG A 490 8.08 11.90 16.65
C ARG A 490 8.29 13.38 16.35
N PRO A 491 9.53 13.81 16.05
CA PRO A 491 9.79 15.23 15.74
C PRO A 491 9.63 15.56 14.26
N ILE A 492 8.39 15.57 13.77
CA ILE A 492 8.16 15.90 12.38
C ILE A 492 8.36 17.39 12.19
N THR A 493 9.33 17.77 11.37
CA THR A 493 9.73 19.16 11.23
C THR A 493 9.21 19.71 9.90
N ILE A 494 8.53 20.84 9.96
CA ILE A 494 7.91 21.45 8.80
C ILE A 494 8.67 22.74 8.48
N GLY A 495 9.26 22.80 7.30
CA GLY A 495 9.99 23.98 6.88
C GLY A 495 9.16 24.88 5.99
N SER A 496 9.65 26.10 5.79
CA SER A 496 8.98 27.03 4.90
C SER A 496 8.88 26.40 3.51
N ILE A 497 7.68 26.46 2.92
CA ILE A 497 7.45 25.72 1.69
C ILE A 497 8.30 26.27 0.55
N LEU A 498 8.50 27.59 0.53
CA LEU A 498 9.39 28.16 -0.48
C LEU A 498 10.84 27.74 -0.27
N LEU A 499 11.17 27.21 0.91
CA LEU A 499 12.46 26.56 1.09
C LEU A 499 12.42 25.09 0.69
N ARG A 500 11.30 24.40 0.93
CA ARG A 500 11.19 23.02 0.50
C ARG A 500 11.27 22.91 -1.02
N LEU A 501 10.66 23.85 -1.74
CA LEU A 501 10.69 23.80 -3.20
C LEU A 501 12.09 24.07 -3.74
N PHE A 502 12.76 25.10 -3.21
CA PHE A 502 14.13 25.36 -3.64
C PHE A 502 15.05 24.21 -3.26
N SER A 503 14.80 23.58 -2.11
CA SER A 503 15.61 22.43 -1.72
C SER A 503 15.41 21.28 -2.67
N ARG A 504 14.18 21.05 -3.15
CA ARG A 504 13.96 20.01 -4.14
C ARG A 504 14.66 20.34 -5.46
N ILE A 505 14.60 21.61 -5.88
CA ILE A 505 15.26 22.01 -7.12
C ILE A 505 16.77 21.79 -7.01
N VAL A 506 17.36 22.19 -5.87
CA VAL A 506 18.78 21.96 -5.66
C VAL A 506 19.07 20.47 -5.55
N THR A 507 18.14 19.72 -4.96
CA THR A 507 18.30 18.28 -4.86
C THR A 507 18.53 17.67 -6.24
N ALA A 508 17.55 17.79 -7.13
CA ALA A 508 17.68 17.18 -8.45
C ALA A 508 19.11 17.30 -8.99
N ARG A 509 19.66 18.52 -8.94
CA ARG A 509 20.99 18.76 -9.48
C ARG A 509 22.08 18.07 -8.65
N LEU A 510 22.01 18.19 -7.32
CA LEU A 510 23.02 17.56 -6.49
C LEU A 510 22.98 16.04 -6.62
N SER A 511 21.77 15.48 -6.67
CA SER A 511 21.60 14.04 -6.85
C SER A 511 22.23 13.57 -8.14
N LYS A 512 22.00 14.30 -9.24
CA LYS A 512 22.68 13.92 -10.48
C LYS A 512 24.19 14.04 -10.34
N ALA A 513 24.66 15.16 -9.79
CA ALA A 513 26.09 15.44 -9.75
C ALA A 513 26.84 14.45 -8.87
N CYS A 514 26.17 13.79 -7.94
CA CYS A 514 26.79 12.87 -6.98
C CYS A 514 26.15 11.50 -7.12
N PRO A 515 26.65 10.64 -8.02
CA PRO A 515 26.08 9.30 -8.14
C PRO A 515 26.41 8.46 -6.92
N LEU A 516 25.37 7.98 -6.24
CA LEU A 516 25.57 7.21 -5.02
C LEU A 516 26.06 5.81 -5.35
N ASN A 517 26.54 5.12 -4.33
CA ASN A 517 26.97 3.75 -4.51
C ASN A 517 25.78 2.89 -4.95
N PRO A 518 25.96 1.96 -5.90
CA PRO A 518 24.81 1.16 -6.34
C PRO A 518 24.20 0.32 -5.24
N ARG A 519 24.91 0.12 -4.13
CA ARG A 519 24.35 -0.68 -3.04
C ARG A 519 23.28 0.06 -2.27
N GLN A 520 23.42 1.38 -2.14
CA GLN A 520 22.40 2.18 -1.45
C GLN A 520 21.15 2.22 -2.32
N ARG A 521 20.15 1.41 -1.94
CA ARG A 521 18.91 1.32 -2.69
C ARG A 521 17.81 2.21 -2.12
N GLY A 522 18.10 2.98 -1.07
CA GLY A 522 17.12 3.85 -0.46
C GLY A 522 17.22 5.26 -1.00
N PHE A 523 16.07 5.90 -1.15
CA PHE A 523 15.94 7.29 -1.60
C PHE A 523 16.43 7.50 -3.02
N ILE A 524 16.68 6.44 -3.77
CA ILE A 524 17.10 6.54 -5.16
C ILE A 524 15.91 6.20 -6.05
N ARG A 525 15.98 6.63 -7.31
CA ARG A 525 14.89 6.46 -8.25
C ARG A 525 14.84 5.00 -8.70
N ALA A 526 14.28 4.16 -7.82
CA ALA A 526 14.15 2.73 -8.10
C ALA A 526 13.37 2.11 -6.95
N ALA A 527 12.93 0.87 -7.16
CA ALA A 527 12.18 0.11 -6.16
C ALA A 527 13.20 -0.50 -5.18
N GLY A 528 13.67 0.33 -4.26
CA GLY A 528 14.69 -0.12 -3.33
C GLY A 528 14.23 -1.25 -2.44
N CYS A 529 13.03 -1.12 -1.87
CA CYS A 529 12.54 -2.12 -0.93
C CYS A 529 12.38 -3.48 -1.62
N SER A 530 11.83 -3.49 -2.83
CA SER A 530 11.68 -4.76 -3.55
C SER A 530 13.04 -5.36 -3.89
N GLU A 531 13.99 -4.54 -4.32
CA GLU A 531 15.29 -5.03 -4.75
C GLU A 531 16.16 -5.44 -3.58
N ASN A 532 15.81 -5.02 -2.36
CA ASN A 532 16.53 -5.48 -1.18
C ASN A 532 15.88 -6.71 -0.57
N LEU A 533 14.55 -6.73 -0.51
CA LEU A 533 13.87 -7.92 0.02
C LEU A 533 14.10 -9.12 -0.86
N LYS A 534 14.04 -8.96 -2.19
CA LYS A 534 14.34 -10.07 -3.06
C LYS A 534 15.79 -10.49 -2.95
N LEU A 535 16.71 -9.53 -2.86
CA LEU A 535 18.12 -9.88 -2.77
C LEU A 535 18.39 -10.69 -1.50
N LEU A 536 17.85 -10.26 -0.36
CA LEU A 536 18.01 -11.03 0.86
C LEU A 536 17.41 -12.42 0.69
N GLN A 537 16.09 -12.48 0.50
CA GLN A 537 15.42 -13.77 0.31
C GLN A 537 16.23 -14.71 -0.56
N THR A 538 16.66 -14.23 -1.73
CA THR A 538 17.48 -15.04 -2.62
C THR A 538 18.74 -15.50 -1.92
N ILE A 539 19.62 -14.56 -1.57
CA ILE A 539 20.90 -14.88 -0.96
C ILE A 539 20.73 -16.00 0.07
N ILE A 540 19.71 -15.86 0.93
CA ILE A 540 19.49 -16.87 1.96
C ILE A 540 19.14 -18.21 1.34
N TRP A 541 18.19 -18.21 0.40
CA TRP A 541 17.74 -19.46 -0.19
C TRP A 541 18.86 -20.16 -0.95
N SER A 542 19.64 -19.38 -1.71
CA SER A 542 20.77 -19.93 -2.45
C SER A 542 21.85 -20.46 -1.52
N ALA A 543 22.12 -19.77 -0.42
CA ALA A 543 23.09 -20.27 0.54
C ALA A 543 22.63 -21.59 1.14
N LYS A 544 21.34 -21.69 1.48
CA LYS A 544 20.83 -22.95 2.01
C LYS A 544 20.90 -24.06 0.98
N ARG A 545 20.59 -23.75 -0.28
CA ARG A 545 20.53 -24.79 -1.31
C ARG A 545 21.92 -25.26 -1.71
N GLU A 546 22.88 -24.36 -1.79
CA GLU A 546 24.24 -24.68 -2.23
C GLU A 546 25.16 -25.05 -1.08
N HIS A 547 24.67 -25.06 0.15
CA HIS A 547 25.47 -25.45 1.32
C HIS A 547 26.71 -24.59 1.45
N ARG A 548 26.48 -23.30 1.67
CA ARG A 548 27.54 -22.32 1.82
C ARG A 548 27.27 -21.47 3.05
N PRO A 549 28.30 -21.12 3.82
CA PRO A 549 28.07 -20.27 5.00
C PRO A 549 27.59 -18.89 4.60
N LEU A 550 26.75 -18.30 5.44
CA LEU A 550 26.23 -16.96 5.20
C LEU A 550 25.89 -16.32 6.54
N GLY A 551 26.57 -15.22 6.86
CA GLY A 551 26.28 -14.46 8.06
C GLY A 551 25.56 -13.16 7.68
N VAL A 552 24.47 -12.89 8.40
CA VAL A 552 23.65 -11.71 8.15
C VAL A 552 23.55 -10.93 9.44
N VAL A 553 23.83 -9.63 9.38
CA VAL A 553 23.70 -8.74 10.52
C VAL A 553 22.84 -7.54 10.11
N PHE A 554 21.73 -7.35 10.80
CA PHE A 554 20.82 -6.24 10.52
C PHE A 554 21.26 -5.04 11.36
N VAL A 555 22.33 -4.38 10.87
CA VAL A 555 22.88 -3.26 11.61
C VAL A 555 21.80 -2.21 11.81
N ASP A 556 21.92 -1.47 12.92
CA ASP A 556 20.90 -0.49 13.29
C ASP A 556 21.64 0.75 13.79
N ILE A 557 21.71 1.77 12.93
CA ILE A 557 22.22 3.07 13.33
C ILE A 557 21.15 3.78 14.14
N ALA A 558 21.54 4.42 15.22
CA ALA A 558 20.61 5.12 16.10
C ALA A 558 20.50 6.57 15.67
N LYS A 559 19.29 7.00 15.33
CA LYS A 559 19.03 8.39 14.99
C LYS A 559 19.99 8.88 13.91
N ALA A 560 19.93 8.17 12.78
CA ALA A 560 20.86 8.44 11.69
C ALA A 560 20.67 9.84 11.13
N PHE A 561 19.41 10.30 11.03
CA PHE A 561 19.18 11.65 10.54
C PHE A 561 19.40 12.71 11.61
N ASP A 562 19.19 12.36 12.88
CA ASP A 562 19.35 13.31 13.98
C ASP A 562 20.75 13.28 14.57
N THR A 563 21.64 12.45 14.05
CA THR A 563 23.00 12.32 14.56
C THR A 563 24.08 12.66 13.54
N VAL A 564 23.80 12.53 12.25
CA VAL A 564 24.79 12.81 11.22
C VAL A 564 25.17 14.29 11.33
N SER A 565 26.41 14.56 11.72
CA SER A 565 26.83 15.92 11.95
C SER A 565 26.84 16.72 10.64
N HIS A 566 26.54 18.02 10.76
CA HIS A 566 26.60 18.89 9.60
C HIS A 566 28.01 18.92 9.02
N GLN A 567 29.02 18.96 9.89
CA GLN A 567 30.40 18.87 9.43
C GLN A 567 30.61 17.62 8.60
N HIS A 568 29.98 16.50 8.98
CA HIS A 568 30.11 15.27 8.23
C HIS A 568 29.59 15.45 6.80
N ILE A 569 28.41 16.06 6.67
CA ILE A 569 27.82 16.25 5.35
C ILE A 569 28.67 17.17 4.50
N ILE A 570 29.15 18.26 5.09
CA ILE A 570 29.98 19.20 4.34
C ILE A 570 31.26 18.51 3.88
N HIS A 571 31.89 17.73 4.76
CA HIS A 571 33.10 17.02 4.39
C HIS A 571 32.82 16.00 3.29
N ALA A 572 31.69 15.29 3.38
CA ALA A 572 31.35 14.32 2.35
C ALA A 572 31.17 15.00 1.00
N LEU A 573 30.46 16.14 0.98
CA LEU A 573 30.30 16.87 -0.27
C LEU A 573 31.63 17.35 -0.82
N GLN A 574 32.50 17.85 0.07
CA GLN A 574 33.80 18.33 -0.38
C GLN A 574 34.64 17.20 -0.98
N GLN A 575 34.62 16.03 -0.34
CA GLN A 575 35.50 14.95 -0.76
C GLN A 575 35.16 14.46 -2.16
N ARG A 576 33.90 14.61 -2.58
CA ARG A 576 33.51 14.32 -3.95
C ARG A 576 33.88 15.44 -4.91
N GLU A 577 34.52 16.50 -4.42
CA GLU A 577 34.92 17.63 -5.25
C GLU A 577 33.71 18.32 -5.87
N VAL A 578 32.56 18.26 -5.18
CA VAL A 578 31.41 19.05 -5.61
C VAL A 578 31.78 20.52 -5.52
N ASP A 579 31.35 21.29 -6.52
CA ASP A 579 31.76 22.69 -6.64
C ASP A 579 31.68 23.40 -5.30
N PRO A 580 32.69 24.19 -4.93
CA PRO A 580 32.65 24.83 -3.61
C PRO A 580 31.47 25.77 -3.43
N HIS A 581 30.92 26.30 -4.51
CA HIS A 581 29.76 27.18 -4.39
C HIS A 581 28.56 26.43 -3.85
N ILE A 582 28.30 25.22 -4.38
CA ILE A 582 27.17 24.43 -3.89
C ILE A 582 27.45 23.96 -2.47
N VAL A 583 28.71 23.65 -2.14
CA VAL A 583 29.03 23.27 -0.77
C VAL A 583 28.72 24.42 0.18
N GLY A 584 29.09 25.65 -0.21
CA GLY A 584 28.73 26.80 0.60
C GLY A 584 27.23 27.00 0.70
N LEU A 585 26.51 26.76 -0.40
CA LEU A 585 25.05 26.87 -0.35
C LEU A 585 24.47 25.88 0.64
N VAL A 586 24.96 24.64 0.63
CA VAL A 586 24.46 23.63 1.57
C VAL A 586 24.78 24.03 3.00
N SER A 587 26.02 24.48 3.23
CA SER A 587 26.39 24.92 4.57
C SER A 587 25.53 26.07 5.05
N ASN A 588 25.13 26.97 4.12
CA ASN A 588 24.28 28.09 4.50
C ASN A 588 22.85 27.63 4.76
N MET A 589 22.37 26.67 3.98
CA MET A 589 21.06 26.08 4.25
C MET A 589 21.03 25.38 5.60
N TYR A 590 22.20 25.09 6.17
CA TYR A 590 22.31 24.49 7.49
C TYR A 590 22.92 25.48 8.50
N GLU A 591 22.55 26.75 8.38
CA GLU A 591 23.03 27.81 9.26
C GLU A 591 21.88 28.44 10.01
N ASN A 592 22.05 28.61 11.32
CA ASN A 592 21.11 29.37 12.15
C ASN A 592 19.67 28.91 11.96
N ILE A 593 19.48 27.60 11.91
CA ILE A 593 18.14 27.03 11.86
C ILE A 593 17.64 26.85 13.29
N SER A 594 16.37 27.17 13.50
CA SER A 594 15.76 27.01 14.81
C SER A 594 14.32 26.55 14.60
N THR A 595 13.76 25.91 15.62
CA THR A 595 12.40 25.42 15.54
C THR A 595 11.76 25.46 16.92
N TYR A 596 10.44 25.43 16.92
CA TYR A 596 9.66 25.31 18.15
C TYR A 596 8.75 24.10 18.01
N ILE A 597 8.68 23.30 19.08
CA ILE A 597 7.99 22.02 19.05
C ILE A 597 6.59 22.27 19.59
N THR A 598 5.65 22.54 18.69
CA THR A 598 4.28 22.79 19.09
C THR A 598 3.64 21.48 19.55
N THR A 599 3.06 21.48 20.75
CA THR A 599 2.42 20.30 21.31
C THR A 599 0.90 20.39 21.25
N LYS A 600 0.34 21.50 21.72
CA LYS A 600 -1.10 21.74 21.68
C LYS A 600 -1.34 22.98 20.81
N ARG A 601 -2.62 23.32 20.64
CA ARG A 601 -2.97 24.53 19.91
C ARG A 601 -2.44 25.75 20.65
N ASN A 602 -1.40 26.38 20.10
CA ASN A 602 -0.79 27.61 20.59
C ASN A 602 0.11 27.41 21.81
N THR A 603 0.39 26.16 22.21
CA THR A 603 1.32 25.88 23.30
C THR A 603 2.66 25.48 22.69
N HIS A 604 3.41 26.48 22.24
CA HIS A 604 4.69 26.24 21.60
C HIS A 604 5.82 26.31 22.62
N THR A 605 6.91 25.63 22.30
CA THR A 605 8.18 25.86 22.98
C THR A 605 8.83 27.08 22.34
N ASP A 606 10.10 27.33 22.64
CA ASP A 606 10.86 28.38 22.00
C ASP A 606 11.98 27.78 21.16
N LYS A 607 12.83 28.64 20.61
CA LYS A 607 13.78 28.21 19.61
C LYS A 607 14.79 27.21 20.18
N ILE A 608 15.05 26.15 19.42
CA ILE A 608 16.12 25.20 19.70
C ILE A 608 16.98 25.15 18.44
N GLN A 609 18.15 25.78 18.48
CA GLN A 609 19.02 25.83 17.32
C GLN A 609 19.43 24.42 16.93
N ILE A 610 19.00 23.96 15.76
CA ILE A 610 19.36 22.64 15.28
C ILE A 610 20.80 22.68 14.82
N ARG A 611 21.71 22.20 15.68
CA ARG A 611 23.13 22.19 15.38
C ARG A 611 23.62 20.85 14.87
N VAL A 612 22.86 19.78 15.06
CA VAL A 612 23.24 18.45 14.61
C VAL A 612 22.05 17.83 13.88
N GLY A 613 22.35 16.86 13.03
CA GLY A 613 21.32 16.16 12.29
C GLY A 613 20.94 16.87 11.01
N VAL A 614 20.41 16.09 10.07
CA VAL A 614 19.88 16.66 8.84
C VAL A 614 18.51 17.25 9.12
N LYS A 615 18.13 18.26 8.33
CA LYS A 615 16.87 18.94 8.54
C LYS A 615 15.71 18.07 8.05
N GLN A 616 15.14 17.26 8.94
CA GLN A 616 14.04 16.39 8.55
C GLN A 616 12.90 17.25 8.00
N GLY A 617 12.28 16.76 6.95
CA GLY A 617 11.30 17.55 6.21
C GLY A 617 11.89 18.40 5.11
N ASP A 618 13.22 18.46 5.00
CA ASP A 618 13.88 19.18 3.92
C ASP A 618 14.16 18.21 2.77
N PRO A 619 13.76 18.52 1.54
CA PRO A 619 13.91 17.53 0.45
C PRO A 619 15.33 17.07 0.24
N MET A 620 16.32 17.90 0.57
CA MET A 620 17.70 17.51 0.37
C MET A 620 18.22 16.55 1.44
N SER A 621 17.54 16.45 2.57
CA SER A 621 18.07 15.66 3.69
C SER A 621 18.28 14.20 3.35
N PRO A 622 17.33 13.50 2.70
CA PRO A 622 17.62 12.12 2.30
C PRO A 622 18.85 11.99 1.43
N LEU A 623 19.02 12.88 0.45
CA LEU A 623 20.20 12.81 -0.41
C LEU A 623 21.47 13.08 0.36
N LEU A 624 21.45 14.07 1.25
CA LEU A 624 22.64 14.37 2.04
C LEU A 624 22.99 13.20 2.96
N PHE A 625 21.98 12.56 3.55
CA PHE A 625 22.26 11.39 4.37
C PHE A 625 22.87 10.27 3.53
N ASN A 626 22.33 10.03 2.34
CA ASN A 626 22.92 9.01 1.48
C ASN A 626 24.36 9.37 1.13
N LEU A 627 24.64 10.65 0.89
CA LEU A 627 25.99 11.06 0.53
C LEU A 627 26.95 10.92 1.70
N ALA A 628 26.47 11.18 2.92
CA ALA A 628 27.30 11.03 4.11
C ALA A 628 27.42 9.58 4.58
N MET A 629 26.54 8.70 4.10
CA MET A 629 26.62 7.27 4.41
C MET A 629 27.33 6.47 3.32
N ASP A 630 27.47 7.04 2.12
CA ASP A 630 28.16 6.33 1.04
C ASP A 630 29.53 5.81 1.43
N PRO A 631 30.37 6.55 2.15
CA PRO A 631 31.71 6.02 2.46
C PRO A 631 31.66 4.66 3.16
N LEU A 632 30.70 4.44 4.04
CA LEU A 632 30.57 3.14 4.69
C LEU A 632 30.35 2.05 3.65
N LEU A 633 29.42 2.26 2.72
CA LEU A 633 29.15 1.25 1.70
C LEU A 633 30.36 1.04 0.81
N CYS A 634 31.06 2.12 0.45
CA CYS A 634 32.24 1.98 -0.42
C CYS A 634 33.32 1.15 0.27
N LYS A 635 33.62 1.46 1.52
CA LYS A 635 34.66 0.71 2.22
C LYS A 635 34.21 -0.73 2.49
N LEU A 636 32.92 -0.95 2.72
CA LEU A 636 32.45 -2.32 2.94
C LEU A 636 32.54 -3.13 1.65
N GLU A 637 32.24 -2.51 0.51
CA GLU A 637 32.26 -3.23 -0.76
C GLU A 637 33.67 -3.37 -1.33
N GLU A 638 34.62 -2.57 -0.86
CA GLU A 638 35.99 -2.64 -1.36
C GLU A 638 36.95 -3.37 -0.43
N SER A 639 36.67 -3.39 0.88
CA SER A 639 37.57 -4.00 1.85
C SER A 639 36.87 -5.00 2.75
N GLY A 640 35.55 -5.12 2.67
CA GLY A 640 34.85 -6.13 3.44
C GLY A 640 34.78 -7.45 2.72
N LYS A 641 34.32 -8.47 3.44
CA LYS A 641 34.22 -9.83 2.92
C LYS A 641 32.75 -10.22 2.96
N GLY A 642 32.15 -10.39 1.78
CA GLY A 642 30.72 -10.62 1.66
C GLY A 642 30.39 -11.92 0.95
N TYR A 643 29.10 -12.25 0.97
CA TYR A 643 28.63 -13.47 0.33
C TYR A 643 28.92 -13.44 -1.16
N HIS A 644 29.49 -14.53 -1.68
CA HIS A 644 29.93 -14.62 -3.06
C HIS A 644 29.03 -15.57 -3.83
N ARG A 645 28.56 -15.13 -5.00
CA ARG A 645 27.85 -15.99 -5.95
C ARG A 645 28.49 -15.73 -7.32
N GLY A 646 29.55 -16.48 -7.62
CA GLY A 646 30.30 -16.28 -8.84
C GLY A 646 31.57 -15.49 -8.58
N GLN A 647 31.71 -14.34 -9.24
CA GLN A 647 32.86 -13.48 -9.07
C GLN A 647 32.53 -12.18 -8.37
N SER A 648 31.29 -12.00 -7.91
CA SER A 648 30.85 -10.77 -7.26
C SER A 648 30.52 -11.05 -5.80
N SER A 649 30.34 -9.98 -5.04
CA SER A 649 30.11 -10.10 -3.60
C SER A 649 29.29 -8.92 -3.13
N ILE A 650 28.08 -9.20 -2.63
CA ILE A 650 27.28 -8.19 -1.93
C ILE A 650 27.78 -8.18 -0.48
N THR A 651 28.56 -7.17 -0.12
CA THR A 651 29.09 -7.09 1.23
C THR A 651 28.18 -6.31 2.18
N ALA A 652 27.33 -5.43 1.67
CA ALA A 652 26.45 -4.64 2.52
C ALA A 652 25.31 -4.10 1.68
N MET A 653 24.09 -4.54 1.99
CA MET A 653 22.89 -3.94 1.42
C MET A 653 22.47 -2.77 2.29
N ALA A 654 21.83 -1.77 1.67
CA ALA A 654 21.44 -0.58 2.41
C ALA A 654 20.13 -0.04 1.88
N PHE A 655 19.39 0.62 2.78
CA PHE A 655 18.18 1.35 2.41
C PHE A 655 18.05 2.49 3.42
N ALA A 656 18.45 3.69 3.01
CA ALA A 656 18.46 4.85 3.89
C ALA A 656 19.41 4.51 5.03
N ASP A 657 19.01 4.61 6.29
CA ASP A 657 19.89 4.27 7.40
C ASP A 657 19.94 2.77 7.67
N ASP A 658 19.00 1.99 7.13
CA ASP A 658 19.04 0.55 7.32
C ASP A 658 20.24 -0.03 6.58
N LEU A 659 20.96 -0.92 7.26
CA LEU A 659 22.12 -1.58 6.67
C LEU A 659 22.09 -3.05 7.05
N VAL A 660 22.34 -3.92 6.07
CA VAL A 660 22.41 -5.35 6.29
C VAL A 660 23.80 -5.78 5.84
N LEU A 661 24.61 -6.22 6.79
CA LEU A 661 25.94 -6.76 6.50
C LEU A 661 25.82 -8.24 6.17
N LEU A 662 26.59 -8.66 5.17
CA LEU A 662 26.62 -10.05 4.73
C LEU A 662 28.06 -10.55 4.78
N SER A 663 28.21 -11.86 4.79
CA SER A 663 29.52 -12.46 4.89
C SER A 663 29.44 -13.92 4.43
N ASP A 664 30.59 -14.59 4.45
CA ASP A 664 30.71 -16.00 4.11
C ASP A 664 31.47 -16.76 5.20
N SER A 665 31.42 -16.25 6.43
CA SER A 665 32.11 -16.87 7.55
C SER A 665 31.77 -16.07 8.80
N TRP A 666 32.07 -16.65 9.96
CA TRP A 666 31.85 -15.95 11.22
C TRP A 666 32.91 -14.90 11.49
N GLU A 667 34.06 -14.98 10.84
CA GLU A 667 35.12 -13.99 11.00
C GLU A 667 35.13 -12.93 9.91
N ASN A 668 34.75 -13.29 8.68
CA ASN A 668 34.55 -12.29 7.64
C ASN A 668 33.48 -11.29 8.07
N MET A 669 32.43 -11.78 8.72
CA MET A 669 31.43 -10.90 9.29
C MET A 669 32.02 -10.05 10.39
N ASN A 670 33.00 -10.58 11.13
CA ASN A 670 33.71 -9.76 12.10
C ASN A 670 34.48 -8.64 11.41
N THR A 671 35.04 -8.92 10.23
CA THR A 671 35.72 -7.87 9.48
C THR A 671 34.73 -6.77 9.09
N ASN A 672 33.55 -7.16 8.58
CA ASN A 672 32.56 -6.16 8.22
C ASN A 672 32.12 -5.36 9.46
N ILE A 673 31.93 -6.04 10.59
CA ILE A 673 31.50 -5.37 11.81
C ILE A 673 32.58 -4.41 12.28
N SER A 674 33.86 -4.80 12.12
CA SER A 674 34.95 -3.92 12.50
C SER A 674 34.96 -2.65 11.64
N ILE A 675 34.74 -2.80 10.34
CA ILE A 675 34.68 -1.62 9.48
C ILE A 675 33.52 -0.73 9.91
N LEU A 676 32.37 -1.32 10.21
CA LEU A 676 31.22 -0.54 10.67
C LEU A 676 31.55 0.20 11.96
N GLU A 677 32.21 -0.47 12.90
CA GLU A 677 32.58 0.20 14.15
C GLU A 677 33.54 1.35 13.88
N THR A 678 34.51 1.15 12.98
CA THR A 678 35.43 2.23 12.66
C THR A 678 34.68 3.43 12.12
N PHE A 679 33.74 3.21 11.19
CA PHE A 679 32.96 4.31 10.66
C PHE A 679 32.17 5.00 11.75
N CYS A 680 31.52 4.23 12.62
CA CYS A 680 30.63 4.81 13.62
C CYS A 680 31.41 5.54 14.70
N ASN A 681 32.66 5.16 14.94
CA ASN A 681 33.50 5.87 15.89
C ASN A 681 34.22 7.06 15.27
N LEU A 682 34.38 7.09 13.95
CA LEU A 682 35.04 8.20 13.30
C LEU A 682 34.09 9.27 12.80
N THR A 683 32.78 8.96 12.68
CA THR A 683 31.81 9.90 12.13
C THR A 683 30.74 10.31 13.14
N GLY A 684 30.71 9.72 14.32
CA GLY A 684 29.80 10.12 15.37
C GLY A 684 28.53 9.28 15.44
N LEU A 685 28.17 8.57 14.39
CA LEU A 685 26.98 7.72 14.44
C LEU A 685 27.16 6.63 15.48
N LYS A 686 26.08 6.30 16.18
CA LYS A 686 26.11 5.36 17.29
C LYS A 686 25.32 4.11 16.93
N THR A 687 25.93 2.94 17.14
CA THR A 687 25.27 1.67 16.97
C THR A 687 25.62 0.76 18.14
N GLN A 688 24.63 0.08 18.68
CA GLN A 688 24.82 -0.87 19.76
C GLN A 688 24.27 -2.22 19.35
N GLY A 689 24.98 -3.28 19.70
CA GLY A 689 24.54 -4.63 19.37
C GLY A 689 23.23 -5.02 20.01
N GLN A 690 22.78 -4.28 21.02
CA GLN A 690 21.48 -4.59 21.63
C GLN A 690 20.34 -4.31 20.66
N LYS A 691 20.48 -3.26 19.84
CA LYS A 691 19.46 -2.91 18.85
C LYS A 691 19.72 -3.57 17.51
N CYS A 692 20.78 -4.35 17.37
CA CYS A 692 21.11 -5.05 16.14
C CYS A 692 20.92 -6.55 16.34
N HIS A 693 20.54 -7.23 15.25
CA HIS A 693 20.25 -8.66 15.25
C HIS A 693 21.05 -9.31 14.14
N GLY A 694 21.00 -10.63 14.08
CA GLY A 694 21.71 -11.32 13.03
C GLY A 694 21.55 -12.83 13.16
N PHE A 695 22.20 -13.54 12.25
CA PHE A 695 22.25 -14.99 12.29
C PHE A 695 23.38 -15.47 11.40
N TYR A 696 23.64 -16.78 11.46
CA TYR A 696 24.74 -17.40 10.72
C TYR A 696 24.29 -18.78 10.26
N ILE A 697 24.08 -18.92 8.95
CA ILE A 697 23.68 -20.19 8.35
C ILE A 697 24.96 -20.92 7.95
N LYS A 698 25.26 -22.01 8.65
CA LYS A 698 26.44 -22.82 8.38
C LYS A 698 26.01 -24.16 7.79
N PRO A 699 26.54 -24.55 6.63
CA PRO A 699 26.07 -25.79 6.01
C PRO A 699 26.51 -27.03 6.77
N THR A 700 25.73 -28.10 6.60
CA THR A 700 26.06 -29.42 7.11
C THR A 700 25.90 -30.43 5.98
N LYS A 701 26.07 -31.71 6.29
CA LYS A 701 26.00 -32.74 5.26
C LYS A 701 24.62 -32.76 4.61
N ASP A 702 23.57 -32.71 5.42
CA ASP A 702 22.21 -32.73 4.91
C ASP A 702 21.64 -31.33 4.71
N SER A 703 21.84 -30.45 5.70
CA SER A 703 21.24 -29.13 5.68
C SER A 703 22.16 -28.17 6.43
N TYR A 704 21.60 -27.05 6.87
CA TYR A 704 22.33 -25.98 7.54
C TYR A 704 21.97 -25.95 9.02
N THR A 705 22.70 -25.11 9.75
CA THR A 705 22.45 -24.83 11.16
C THR A 705 22.53 -23.33 11.37
N ILE A 706 21.68 -22.82 12.27
CA ILE A 706 21.59 -21.39 12.53
C ILE A 706 22.25 -21.09 13.87
N ASN A 707 23.10 -20.07 13.89
CA ASN A 707 23.73 -19.59 15.11
C ASN A 707 24.49 -20.71 15.83
N ASP A 708 25.18 -21.54 15.06
CA ASP A 708 26.04 -22.56 15.64
C ASP A 708 27.39 -21.95 15.99
N CYS A 709 27.38 -20.88 16.78
CA CYS A 709 28.58 -20.15 17.14
C CYS A 709 28.18 -19.04 18.10
N ALA A 710 29.19 -18.37 18.65
CA ALA A 710 28.95 -17.25 19.54
C ALA A 710 28.41 -16.05 18.75
N ALA A 711 27.56 -15.26 19.41
CA ALA A 711 27.01 -14.08 18.78
C ALA A 711 28.11 -13.04 18.53
N TRP A 712 28.01 -12.37 17.39
CA TRP A 712 28.94 -11.28 17.11
C TRP A 712 28.73 -10.15 18.10
N THR A 713 29.77 -9.34 18.27
CA THR A 713 29.74 -8.18 19.15
C THR A 713 29.98 -6.92 18.33
N ILE A 714 29.07 -5.95 18.45
CA ILE A 714 29.22 -4.64 17.84
C ILE A 714 29.40 -3.64 18.97
N ASN A 715 30.58 -3.04 19.03
CA ASN A 715 30.95 -2.03 20.03
C ASN A 715 31.03 -2.60 21.44
N GLY A 716 30.95 -3.91 21.60
CA GLY A 716 31.12 -4.54 22.89
C GLY A 716 29.96 -5.42 23.33
N THR A 717 28.73 -5.01 23.04
CA THR A 717 27.56 -5.76 23.47
C THR A 717 27.18 -6.79 22.41
N PRO A 718 27.09 -8.07 22.74
CA PRO A 718 26.78 -9.08 21.71
C PRO A 718 25.43 -8.83 21.05
N LEU A 719 25.33 -9.26 19.79
CA LEU A 719 24.12 -9.08 19.01
C LEU A 719 23.00 -9.98 19.53
N ASN A 720 21.78 -9.71 19.06
CA ASN A 720 20.61 -10.51 19.37
C ASN A 720 20.41 -11.49 18.22
N MET A 721 21.16 -12.59 18.26
CA MET A 721 21.07 -13.59 17.20
C MET A 721 19.65 -14.08 17.06
N ILE A 722 19.16 -14.11 15.82
CA ILE A 722 17.79 -14.53 15.52
C ILE A 722 17.80 -16.05 15.39
N ASP A 723 17.22 -16.73 16.37
CA ASP A 723 17.14 -18.18 16.31
C ASP A 723 15.96 -18.61 15.44
N PRO A 724 15.97 -19.86 14.98
CA PRO A 724 14.84 -20.34 14.17
C PRO A 724 13.52 -20.21 14.92
N GLY A 725 12.47 -19.85 14.18
CA GLY A 725 11.18 -19.60 14.75
C GLY A 725 10.96 -18.17 15.17
N GLU A 726 12.02 -17.39 15.32
CA GLU A 726 11.94 -15.96 15.55
C GLU A 726 12.13 -15.22 14.23
N SER A 727 11.75 -13.94 14.23
CA SER A 727 11.82 -13.14 13.02
C SER A 727 12.24 -11.73 13.37
N GLU A 728 12.78 -11.02 12.38
CA GLU A 728 13.16 -9.62 12.53
C GLU A 728 12.61 -8.81 11.37
N LYS A 729 12.10 -7.62 11.68
CA LYS A 729 11.46 -6.79 10.67
C LYS A 729 12.52 -6.05 9.87
N TYR A 730 12.69 -6.45 8.62
CA TYR A 730 13.53 -5.75 7.66
C TYR A 730 12.61 -5.16 6.59
N LEU A 731 12.64 -3.84 6.45
CA LEU A 731 11.86 -3.15 5.43
C LEU A 731 10.41 -3.59 5.45
N GLY A 732 9.88 -3.79 6.66
CA GLY A 732 8.47 -4.08 6.83
C GLY A 732 8.08 -5.54 6.69
N LEU A 733 9.03 -6.44 6.45
CA LEU A 733 8.73 -7.87 6.40
C LEU A 733 9.51 -8.62 7.46
N GLN A 734 8.90 -9.67 7.99
CA GLN A 734 9.50 -10.46 9.06
C GLN A 734 10.38 -11.55 8.44
N PHE A 735 11.68 -11.47 8.69
CA PHE A 735 12.65 -12.42 8.17
C PHE A 735 12.98 -13.42 9.26
N ASP A 736 12.71 -14.70 8.98
CA ASP A 736 13.07 -15.80 9.86
C ASP A 736 14.17 -16.59 9.18
N PRO A 737 15.34 -16.77 9.80
CA PRO A 737 16.42 -17.48 9.11
C PRO A 737 16.08 -18.91 8.76
N TRP A 738 15.07 -19.50 9.41
CA TRP A 738 14.70 -20.88 9.12
C TRP A 738 13.94 -21.02 7.81
N ILE A 739 13.14 -20.01 7.44
CA ILE A 739 12.24 -20.11 6.29
C ILE A 739 12.37 -18.93 5.34
N GLY A 740 13.29 -18.01 5.58
CA GLY A 740 13.44 -16.86 4.70
C GLY A 740 12.53 -15.72 5.12
N ILE A 741 11.38 -15.59 4.45
CA ILE A 741 10.37 -14.58 4.77
C ILE A 741 9.25 -15.25 5.54
N ALA A 742 8.95 -14.72 6.72
CA ALA A 742 7.93 -15.30 7.59
C ALA A 742 6.55 -14.91 7.09
N ARG A 743 5.85 -15.86 6.48
CA ARG A 743 4.52 -15.62 5.92
C ARG A 743 3.50 -15.75 7.05
N SER A 744 3.15 -14.62 7.65
CA SER A 744 2.21 -14.63 8.76
C SER A 744 1.60 -13.24 8.91
N GLY A 745 0.46 -13.19 9.61
CA GLY A 745 -0.16 -11.96 10.06
C GLY A 745 -1.27 -11.45 9.19
N LEU A 746 -1.26 -11.76 7.90
CA LEU A 746 -2.24 -11.17 6.99
C LEU A 746 -3.65 -11.58 7.35
N SER A 747 -3.87 -12.86 7.64
CA SER A 747 -5.21 -13.30 8.00
C SER A 747 -5.67 -12.65 9.30
N THR A 748 -4.83 -12.69 10.32
CA THR A 748 -5.19 -12.08 11.60
C THR A 748 -5.39 -10.58 11.47
N LYS A 749 -4.49 -9.91 10.75
CA LYS A 749 -4.64 -8.46 10.58
C LYS A 749 -5.92 -8.13 9.85
N LEU A 750 -6.23 -8.86 8.78
CA LEU A 750 -7.44 -8.58 8.02
C LEU A 750 -8.68 -8.80 8.85
N ASP A 751 -8.72 -9.90 9.62
CA ASP A 751 -9.89 -10.16 10.45
C ASP A 751 -10.04 -9.10 11.53
N PHE A 752 -8.93 -8.68 12.15
CA PHE A 752 -9.00 -7.63 13.16
C PHE A 752 -9.50 -6.32 12.56
N TRP A 753 -9.01 -5.97 11.36
CA TRP A 753 -9.44 -4.74 10.73
C TRP A 753 -10.92 -4.81 10.36
N LEU A 754 -11.38 -5.96 9.89
CA LEU A 754 -12.80 -6.12 9.57
C LEU A 754 -13.65 -5.96 10.82
N GLN A 755 -13.21 -6.54 11.94
CA GLN A 755 -13.93 -6.35 13.19
C GLN A 755 -13.96 -4.89 13.59
N ARG A 756 -12.82 -4.20 13.46
CA ARG A 756 -12.76 -2.79 13.85
C ARG A 756 -13.73 -1.96 13.01
N ILE A 757 -13.76 -2.20 11.69
CA ILE A 757 -14.68 -1.46 10.83
C ILE A 757 -16.12 -1.77 11.21
N ASP A 758 -16.42 -3.05 11.45
CA ASP A 758 -17.81 -3.42 11.74
C ASP A 758 -18.30 -2.78 13.03
N GLN A 759 -17.41 -2.54 13.99
CA GLN A 759 -17.78 -1.92 15.26
C GLN A 759 -17.80 -0.40 15.18
N ALA A 760 -17.78 0.19 13.98
CA ALA A 760 -17.77 1.63 13.85
C ALA A 760 -19.17 2.15 13.59
N PRO A 761 -19.51 3.38 14.06
CA PRO A 761 -20.81 3.99 13.73
C PRO A 761 -20.90 4.49 12.29
N LEU A 762 -20.60 3.62 11.34
CA LEU A 762 -20.67 3.93 9.93
C LEU A 762 -21.81 3.16 9.28
N LYS A 763 -22.21 3.61 8.11
CA LYS A 763 -23.32 3.00 7.40
C LYS A 763 -22.82 1.96 6.40
N PRO A 764 -23.70 1.08 5.92
CA PRO A 764 -23.23 -0.08 5.15
C PRO A 764 -22.31 0.23 4.00
N LEU A 765 -22.58 1.27 3.22
CA LEU A 765 -21.74 1.62 2.08
C LEU A 765 -20.59 2.53 2.45
N GLN A 766 -20.55 3.03 3.69
CA GLN A 766 -19.38 3.76 4.16
C GLN A 766 -18.31 2.80 4.68
N LYS A 767 -18.74 1.69 5.31
CA LYS A 767 -17.79 0.67 5.71
C LYS A 767 -17.09 0.07 4.51
N THR A 768 -17.84 -0.17 3.42
CA THR A 768 -17.22 -0.70 2.21
C THR A 768 -16.17 0.25 1.67
N ASP A 769 -16.45 1.56 1.71
CA ASP A 769 -15.47 2.53 1.25
C ASP A 769 -14.23 2.52 2.13
N ILE A 770 -14.44 2.53 3.46
CA ILE A 770 -13.31 2.52 4.37
C ILE A 770 -12.44 1.30 4.12
N LEU A 771 -13.08 0.17 3.84
CA LEU A 771 -12.33 -1.06 3.58
C LEU A 771 -11.56 -0.96 2.27
N LYS A 772 -12.29 -0.74 1.16
CA LYS A 772 -11.66 -0.81 -0.15
C LYS A 772 -10.65 0.30 -0.37
N THR A 773 -10.67 1.36 0.45
CA THR A 773 -9.77 2.48 0.23
C THR A 773 -8.69 2.63 1.29
N TYR A 774 -8.86 2.05 2.48
CA TYR A 774 -7.86 2.25 3.53
C TYR A 774 -7.44 0.98 4.25
N THR A 775 -7.99 -0.18 3.91
CA THR A 775 -7.63 -1.43 4.57
C THR A 775 -6.93 -2.41 3.64
N ILE A 776 -7.57 -2.75 2.52
CA ILE A 776 -6.94 -3.67 1.56
C ILE A 776 -5.61 -3.11 1.09
N PRO A 777 -5.47 -1.81 0.78
CA PRO A 777 -4.15 -1.31 0.38
C PRO A 777 -3.07 -1.63 1.39
N ARG A 778 -3.38 -1.57 2.68
CA ARG A 778 -2.37 -1.83 3.70
C ARG A 778 -1.82 -3.23 3.59
N LEU A 779 -2.60 -4.17 3.08
CA LEU A 779 -2.14 -5.54 2.95
C LEU A 779 -1.31 -5.77 1.69
N ILE A 780 -1.34 -4.85 0.72
CA ILE A 780 -0.71 -5.16 -0.57
C ILE A 780 0.78 -5.40 -0.38
N TYR A 781 1.46 -4.46 0.27
CA TYR A 781 2.91 -4.54 0.37
C TYR A 781 3.33 -5.90 0.90
N ILE A 782 2.86 -6.26 2.09
CA ILE A 782 3.26 -7.54 2.67
C ILE A 782 2.83 -8.67 1.76
N ALA A 783 1.58 -8.62 1.28
CA ALA A 783 1.09 -9.71 0.45
C ALA A 783 1.85 -9.83 -0.85
N ASP A 784 2.53 -8.77 -1.27
CA ASP A 784 3.28 -8.78 -2.53
C ASP A 784 4.72 -9.22 -2.27
N HIS A 785 5.45 -8.44 -1.46
CA HIS A 785 6.87 -8.68 -1.27
C HIS A 785 7.15 -9.98 -0.53
N SER A 786 6.15 -10.53 0.16
CA SER A 786 6.33 -11.79 0.85
C SER A 786 6.11 -13.00 -0.05
N GLU A 787 5.67 -12.79 -1.29
CA GLU A 787 5.46 -13.87 -2.25
C GLU A 787 4.36 -14.82 -1.76
N VAL A 788 3.21 -14.24 -1.41
CA VAL A 788 2.08 -15.02 -0.93
C VAL A 788 1.47 -15.79 -2.10
N LYS A 789 0.99 -17.00 -1.81
CA LYS A 789 0.41 -17.86 -2.83
C LYS A 789 -1.11 -17.67 -2.87
N THR A 790 -1.73 -18.35 -3.84
CA THR A 790 -3.17 -18.20 -4.05
C THR A 790 -4.01 -18.91 -3.00
N ALA A 791 -3.40 -19.49 -1.97
CA ALA A 791 -4.16 -20.09 -0.88
C ALA A 791 -4.50 -19.04 0.18
N LEU A 792 -3.48 -18.36 0.70
CA LEU A 792 -3.74 -17.26 1.62
C LEU A 792 -4.47 -16.11 0.93
N LEU A 793 -4.12 -15.84 -0.33
CA LEU A 793 -4.80 -14.78 -1.06
C LEU A 793 -6.29 -15.06 -1.18
N GLU A 794 -6.65 -16.33 -1.39
CA GLU A 794 -8.06 -16.69 -1.48
C GLU A 794 -8.74 -16.62 -0.12
N THR A 795 -8.04 -17.00 0.95
CA THR A 795 -8.61 -16.88 2.28
C THR A 795 -8.90 -15.43 2.62
N LEU A 796 -7.94 -14.54 2.32
CA LEU A 796 -8.14 -13.11 2.59
C LEU A 796 -9.28 -12.56 1.76
N ASP A 797 -9.32 -12.91 0.48
CA ASP A 797 -10.40 -12.42 -0.38
C ASP A 797 -11.75 -12.94 0.10
N GLN A 798 -11.77 -14.18 0.60
CA GLN A 798 -13.02 -14.74 1.12
C GLN A 798 -13.48 -13.98 2.35
N LYS A 799 -12.56 -13.66 3.25
CA LYS A 799 -12.93 -12.86 4.42
C LYS A 799 -13.47 -11.51 3.99
N ILE A 800 -12.80 -10.85 3.03
CA ILE A 800 -13.26 -9.55 2.55
C ILE A 800 -14.65 -9.67 1.95
N ARG A 801 -14.87 -10.69 1.11
CA ARG A 801 -16.16 -10.86 0.45
C ARG A 801 -17.26 -11.10 1.46
N THR A 802 -17.02 -11.98 2.43
CA THR A 802 -18.04 -12.27 3.44
C THR A 802 -18.35 -11.02 4.24
N ALA A 803 -17.33 -10.31 4.70
CA ALA A 803 -17.57 -9.10 5.49
C ALA A 803 -18.34 -8.06 4.70
N VAL A 804 -17.97 -7.85 3.43
CA VAL A 804 -18.63 -6.83 2.63
C VAL A 804 -20.08 -7.23 2.36
N LYS A 805 -20.31 -8.46 1.94
CA LYS A 805 -21.66 -8.90 1.63
C LYS A 805 -22.55 -8.93 2.87
N GLU A 806 -21.96 -9.08 4.05
CA GLU A 806 -22.77 -8.96 5.27
C GLU A 806 -23.01 -7.51 5.64
N TRP A 807 -22.03 -6.62 5.42
CA TRP A 807 -22.24 -5.20 5.68
C TRP A 807 -23.35 -4.64 4.79
N LEU A 808 -23.34 -5.01 3.51
CA LEU A 808 -24.28 -4.48 2.54
C LEU A 808 -25.58 -5.27 2.49
N HIS A 809 -25.73 -6.28 3.34
CA HIS A 809 -26.95 -7.10 3.38
C HIS A 809 -27.24 -7.69 2.00
N LEU A 810 -26.18 -8.10 1.30
CA LEU A 810 -26.32 -8.83 0.06
C LEU A 810 -26.35 -10.33 0.35
N PRO A 811 -27.17 -11.12 -0.34
CA PRO A 811 -27.19 -12.55 -0.07
C PRO A 811 -25.86 -13.18 -0.42
N PRO A 812 -25.47 -14.26 0.27
CA PRO A 812 -24.17 -14.88 -0.03
C PRO A 812 -24.03 -15.31 -1.48
N CYS A 813 -25.13 -15.62 -2.16
CA CYS A 813 -25.07 -16.08 -3.54
C CYS A 813 -24.80 -14.94 -4.53
N THR A 814 -24.73 -13.69 -4.07
CA THR A 814 -24.54 -12.58 -4.99
C THR A 814 -23.22 -12.73 -5.73
N CYS A 815 -23.20 -12.29 -6.98
CA CYS A 815 -22.02 -12.43 -7.81
C CYS A 815 -20.85 -11.67 -7.22
N ASP A 816 -19.65 -12.23 -7.40
CA ASP A 816 -18.44 -11.53 -6.98
C ASP A 816 -18.22 -10.26 -7.79
N ALA A 817 -18.76 -10.21 -9.01
CA ALA A 817 -18.45 -9.11 -9.91
C ALA A 817 -18.94 -7.78 -9.34
N ILE A 818 -20.13 -7.77 -8.74
CA ILE A 818 -20.67 -6.51 -8.21
C ILE A 818 -19.71 -5.91 -7.20
N LEU A 819 -19.00 -6.75 -6.44
CA LEU A 819 -18.04 -6.23 -5.47
C LEU A 819 -16.72 -5.87 -6.13
N TYR A 820 -16.29 -6.64 -7.13
CA TYR A 820 -14.97 -6.49 -7.71
C TYR A 820 -14.96 -5.70 -9.00
N SER A 821 -16.10 -5.53 -9.66
CA SER A 821 -16.15 -4.70 -10.85
C SER A 821 -15.94 -3.24 -10.48
N SER A 822 -15.36 -2.48 -11.41
CA SER A 822 -15.04 -1.09 -11.12
C SER A 822 -16.32 -0.29 -10.91
N THR A 823 -16.20 0.76 -10.09
CA THR A 823 -17.33 1.66 -9.87
C THR A 823 -17.76 2.36 -11.15
N ARG A 824 -16.89 2.37 -12.16
CA ARG A 824 -17.24 2.87 -13.48
C ARG A 824 -18.08 1.87 -14.28
N ASP A 825 -18.13 0.61 -13.85
CA ASP A 825 -18.88 -0.44 -14.55
C ASP A 825 -20.02 -0.99 -13.70
N GLY A 826 -20.50 -0.22 -12.73
CA GLY A 826 -21.61 -0.64 -11.90
C GLY A 826 -21.24 -1.45 -10.68
N GLY A 827 -19.96 -1.77 -10.49
CA GLY A 827 -19.51 -2.50 -9.33
C GLY A 827 -19.22 -1.59 -8.16
N LEU A 828 -18.68 -2.18 -7.10
CA LEU A 828 -18.33 -1.45 -5.89
C LEU A 828 -16.85 -1.10 -5.82
N GLY A 829 -16.01 -1.70 -6.67
CA GLY A 829 -14.61 -1.36 -6.72
C GLY A 829 -13.73 -2.07 -5.72
N ILE A 830 -14.30 -2.95 -4.88
CA ILE A 830 -13.47 -3.69 -3.93
C ILE A 830 -12.39 -4.45 -4.70
N THR A 831 -11.25 -4.66 -4.05
CA THR A 831 -10.10 -5.26 -4.68
C THR A 831 -10.13 -6.78 -4.52
N LYS A 832 -9.94 -7.49 -5.62
CA LYS A 832 -9.82 -8.95 -5.61
C LYS A 832 -8.34 -9.29 -5.47
N LEU A 833 -7.92 -9.60 -4.24
CA LEU A 833 -6.50 -9.86 -4.02
C LEU A 833 -6.03 -11.06 -4.83
N ALA A 834 -6.87 -12.08 -4.97
CA ALA A 834 -6.48 -13.26 -5.73
C ALA A 834 -6.21 -12.95 -7.20
N GLY A 835 -6.68 -11.80 -7.68
CA GLY A 835 -6.45 -11.41 -9.06
C GLY A 835 -5.52 -10.22 -9.19
N LEU A 836 -5.35 -9.46 -8.12
CA LEU A 836 -4.44 -8.32 -8.13
C LEU A 836 -3.04 -8.70 -7.68
N ILE A 837 -2.92 -9.32 -6.51
CA ILE A 837 -1.60 -9.61 -5.95
C ILE A 837 -0.75 -10.43 -6.92
N PRO A 838 -1.28 -11.45 -7.60
CA PRO A 838 -0.44 -12.14 -8.60
C PRO A 838 0.08 -11.21 -9.69
N SER A 839 -0.74 -10.28 -10.17
CA SER A 839 -0.26 -9.34 -11.19
C SER A 839 0.83 -8.44 -10.62
N VAL A 840 0.62 -7.95 -9.39
CA VAL A 840 1.59 -7.09 -8.76
C VAL A 840 2.91 -7.83 -8.58
N GLN A 841 2.84 -9.09 -8.15
CA GLN A 841 4.05 -9.87 -7.97
C GLN A 841 4.75 -10.14 -9.29
N ALA A 842 3.99 -10.48 -10.33
CA ALA A 842 4.60 -10.74 -11.63
C ALA A 842 5.37 -9.52 -12.12
N ARG A 843 4.74 -8.35 -12.07
CA ARG A 843 5.46 -7.19 -12.59
C ARG A 843 6.46 -6.61 -11.59
N ARG A 844 6.38 -6.98 -10.30
CA ARG A 844 7.49 -6.70 -9.39
C ARG A 844 8.70 -7.53 -9.75
N LEU A 845 8.51 -8.80 -10.07
CA LEU A 845 9.61 -9.63 -10.53
C LEU A 845 10.20 -9.04 -11.81
N HIS A 846 9.33 -8.61 -12.73
CA HIS A 846 9.82 -7.96 -13.93
C HIS A 846 10.63 -6.71 -13.60
N ARG A 847 10.16 -5.90 -12.66
CA ARG A 847 10.88 -4.68 -12.28
C ARG A 847 12.24 -5.02 -11.68
N ILE A 848 12.30 -6.05 -10.84
CA ILE A 848 13.57 -6.46 -10.24
C ILE A 848 14.53 -6.92 -11.31
N ALA A 849 14.04 -7.74 -12.26
CA ALA A 849 14.91 -8.19 -13.34
C ALA A 849 15.40 -7.03 -14.18
N GLN A 850 14.50 -6.09 -14.51
CA GLN A 850 14.86 -4.92 -15.32
C GLN A 850 15.20 -3.77 -14.38
N SER A 851 16.43 -3.81 -13.86
CA SER A 851 16.91 -2.82 -12.91
C SER A 851 18.31 -2.38 -13.28
N SER A 852 18.77 -1.31 -12.63
CA SER A 852 20.08 -0.73 -12.91
C SER A 852 21.19 -1.34 -12.06
N ASP A 853 20.85 -2.05 -10.99
CA ASP A 853 21.86 -2.60 -10.08
C ASP A 853 22.49 -3.84 -10.72
N ASP A 854 23.65 -3.64 -11.35
CA ASP A 854 24.31 -4.75 -12.03
C ASP A 854 24.71 -5.85 -11.04
N THR A 855 25.25 -5.46 -9.88
CA THR A 855 25.62 -6.45 -8.87
C THR A 855 24.40 -7.23 -8.40
N MET A 856 23.28 -6.54 -8.21
CA MET A 856 22.07 -7.19 -7.72
C MET A 856 21.62 -8.30 -8.67
N LYS A 857 21.70 -8.07 -9.98
CA LYS A 857 21.31 -9.08 -10.96
C LYS A 857 22.45 -10.03 -11.27
N CYS A 858 23.08 -10.59 -10.24
CA CYS A 858 24.07 -11.65 -10.42
C CYS A 858 23.88 -12.69 -9.32
N PHE A 859 23.43 -12.23 -8.15
CA PHE A 859 23.04 -13.12 -7.06
C PHE A 859 21.61 -13.59 -7.21
N MET A 860 20.96 -13.26 -8.31
CA MET A 860 19.57 -13.59 -8.53
C MET A 860 19.44 -14.88 -9.33
N GLU A 861 18.62 -15.80 -8.83
CA GLU A 861 18.35 -17.05 -9.51
C GLU A 861 17.50 -16.77 -10.74
N LYS A 862 18.14 -16.72 -11.90
CA LYS A 862 17.47 -16.24 -13.11
C LYS A 862 16.30 -17.14 -13.48
N GLU A 863 16.55 -18.46 -13.56
CA GLU A 863 15.50 -19.37 -14.02
C GLU A 863 14.36 -19.45 -13.02
N LYS A 864 14.68 -19.40 -11.71
CA LYS A 864 13.64 -19.49 -10.71
C LYS A 864 12.65 -18.35 -10.85
N MET A 865 13.13 -17.12 -11.00
CA MET A 865 12.22 -16.00 -11.19
C MET A 865 11.60 -16.01 -12.58
N GLU A 866 12.28 -16.55 -13.59
CA GLU A 866 11.66 -16.65 -14.90
C GLU A 866 10.40 -17.52 -14.81
N GLN A 867 10.53 -18.70 -14.22
CA GLN A 867 9.38 -19.59 -14.12
C GLN A 867 8.37 -19.09 -13.09
N LEU A 868 8.82 -18.40 -12.05
CA LEU A 868 7.87 -17.79 -11.12
C LEU A 868 7.06 -16.69 -11.79
N HIS A 869 7.71 -15.88 -12.61
CA HIS A 869 7.00 -14.86 -13.37
C HIS A 869 5.99 -15.50 -14.31
N LYS A 870 6.39 -16.58 -15.00
CA LYS A 870 5.42 -17.27 -15.85
C LYS A 870 4.25 -17.79 -15.03
N LYS A 871 4.53 -18.37 -13.86
CA LYS A 871 3.47 -18.91 -13.01
C LYS A 871 2.51 -17.82 -12.57
N LEU A 872 3.03 -16.69 -12.10
CA LEU A 872 2.17 -15.61 -11.65
C LEU A 872 1.41 -14.98 -12.81
N TRP A 873 2.05 -14.89 -13.97
CA TRP A 873 1.38 -14.35 -15.15
C TRP A 873 0.19 -15.22 -15.53
N ILE A 874 0.36 -16.54 -15.49
CA ILE A 874 -0.76 -17.43 -15.79
C ILE A 874 -1.81 -17.34 -14.70
N GLN A 875 -1.39 -17.24 -13.44
CA GLN A 875 -2.35 -17.18 -12.34
C GLN A 875 -3.10 -15.87 -12.32
N ALA A 876 -2.48 -14.79 -12.79
CA ALA A 876 -3.16 -13.50 -12.85
C ALA A 876 -4.17 -13.41 -13.99
N GLY A 877 -4.18 -14.39 -14.89
CA GLY A 877 -5.11 -14.40 -16.00
C GLY A 877 -4.54 -13.81 -17.27
N GLY A 878 -3.24 -14.05 -17.51
CA GLY A 878 -2.58 -13.56 -18.70
C GLY A 878 -2.57 -14.59 -19.82
N ASP A 879 -2.04 -14.15 -20.95
CA ASP A 879 -1.91 -15.04 -22.10
C ASP A 879 -0.81 -16.05 -21.82
N ARG A 880 -1.17 -17.34 -21.84
CA ARG A 880 -0.21 -18.39 -21.54
C ARG A 880 0.87 -18.50 -22.61
N GLU A 881 0.69 -17.85 -23.76
CA GLU A 881 1.65 -17.91 -24.86
C GLU A 881 2.46 -16.63 -25.00
N ASN A 882 1.83 -15.47 -24.85
CA ASN A 882 2.52 -14.19 -25.00
C ASN A 882 2.99 -13.67 -23.62
N ILE A 883 3.82 -14.47 -22.97
CA ILE A 883 4.40 -14.12 -21.68
C ILE A 883 5.68 -13.32 -21.95
N PRO A 884 5.79 -12.10 -21.44
CA PRO A 884 7.02 -11.33 -21.68
C PRO A 884 8.23 -11.99 -21.03
N SER A 885 9.39 -11.77 -21.63
CA SER A 885 10.66 -12.24 -21.08
C SER A 885 11.19 -11.15 -20.16
N ILE A 886 11.20 -11.42 -18.85
CA ILE A 886 11.61 -10.41 -17.89
C ILE A 886 13.05 -10.00 -18.09
N TRP A 887 13.87 -10.85 -18.70
CA TRP A 887 15.31 -10.61 -18.84
C TRP A 887 15.68 -9.99 -20.17
N GLU A 888 14.74 -9.36 -20.87
CA GLU A 888 15.02 -8.76 -22.16
C GLU A 888 14.90 -7.23 -22.14
N ALA A 889 13.73 -6.69 -21.80
CA ALA A 889 13.54 -5.25 -21.78
C ALA A 889 12.13 -4.89 -21.31
N PRO A 890 11.91 -3.69 -20.80
CA PRO A 890 10.55 -3.27 -20.47
C PRO A 890 9.83 -2.72 -21.69
N PRO A 891 8.58 -2.29 -21.54
CA PRO A 891 7.90 -1.62 -22.66
C PRO A 891 7.84 -0.11 -22.45
N SER A 892 6.72 0.41 -21.94
CA SER A 892 6.57 1.82 -21.63
C SER A 892 7.15 2.72 -22.72
N SER A 893 8.33 3.29 -22.48
CA SER A 893 8.92 4.27 -23.39
C SER A 893 7.95 5.43 -23.57
N GLU A 894 7.39 5.58 -24.78
CA GLU A 894 6.43 6.63 -25.09
C GLU A 894 6.82 7.96 -24.47
N PRO A 895 8.03 8.47 -24.72
CA PRO A 895 8.38 9.79 -24.22
C PRO A 895 8.14 10.86 -25.27
N PRO A 896 8.28 12.14 -24.93
CA PRO A 896 8.32 13.17 -25.97
C PRO A 896 9.59 13.05 -26.79
N ASN A 897 9.68 11.99 -27.59
CA ASN A 897 10.93 11.64 -28.25
C ASN A 897 11.38 12.75 -29.21
N ASN A 898 10.47 13.28 -30.00
CA ASN A 898 10.84 14.28 -30.99
C ASN A 898 11.39 15.52 -30.32
N VAL A 899 12.66 15.83 -30.60
CA VAL A 899 13.39 16.99 -30.09
C VAL A 899 12.51 17.88 -29.22
N SER A 900 12.33 17.50 -27.97
CA SER A 900 11.57 18.31 -27.03
C SER A 900 12.45 19.41 -26.47
N THR A 901 11.97 20.65 -26.53
CA THR A 901 12.72 21.78 -25.98
C THR A 901 12.93 21.64 -24.49
N ASN A 902 12.12 20.82 -23.81
CA ASN A 902 12.31 20.59 -22.38
C ASN A 902 13.71 20.08 -22.11
N SER A 903 14.39 20.69 -21.15
CA SER A 903 15.71 20.21 -20.74
C SER A 903 15.56 18.99 -19.84
N GLU A 904 16.69 18.46 -19.39
CA GLU A 904 16.65 17.29 -18.52
C GLU A 904 16.19 17.61 -17.12
N TRP A 905 16.30 18.87 -16.70
CA TRP A 905 15.78 19.29 -15.39
C TRP A 905 14.32 19.72 -15.46
N GLU A 906 13.80 19.97 -16.67
CA GLU A 906 12.41 20.35 -16.85
C GLU A 906 11.56 19.24 -17.42
N ALA A 907 12.16 18.25 -18.05
CA ALA A 907 11.40 17.14 -18.59
C ALA A 907 10.75 16.37 -17.45
N PRO A 908 9.43 16.16 -17.46
CA PRO A 908 8.80 15.39 -16.39
C PRO A 908 9.45 14.02 -16.26
N THR A 909 9.66 13.60 -15.01
CA THR A 909 10.31 12.33 -14.75
C THR A 909 9.53 11.19 -15.40
N GLN A 910 10.23 10.34 -16.14
CA GLN A 910 9.60 9.24 -16.85
C GLN A 910 9.48 8.03 -15.95
N LYS A 911 8.27 7.50 -15.82
CA LYS A 911 8.01 6.28 -15.09
C LYS A 911 8.11 5.08 -16.02
N ASP A 912 8.30 3.90 -15.43
CA ASP A 912 8.34 2.66 -16.16
C ASP A 912 7.03 1.92 -15.95
N LYS A 913 6.52 1.29 -17.01
CA LYS A 913 5.21 0.66 -17.04
C LYS A 913 5.39 -0.77 -17.53
N PHE A 914 5.63 -1.68 -16.61
CA PHE A 914 5.85 -3.08 -16.97
C PHE A 914 4.52 -3.74 -17.32
N PRO A 915 4.52 -4.75 -18.19
CA PRO A 915 3.26 -5.34 -18.63
C PRO A 915 2.45 -5.89 -17.47
N LYS A 916 1.14 -5.70 -17.54
CA LYS A 916 0.26 -6.39 -16.60
C LYS A 916 -0.25 -7.68 -17.23
N PRO A 917 -0.39 -8.75 -16.46
CA PRO A 917 -0.92 -9.99 -17.05
C PRO A 917 -2.26 -9.79 -17.74
N CYS A 918 -3.15 -8.98 -17.19
CA CYS A 918 -4.45 -8.72 -17.78
C CYS A 918 -5.14 -7.65 -16.94
N ASN A 919 -6.34 -7.25 -17.40
CA ASN A 919 -7.17 -6.28 -16.69
C ASN A 919 -8.19 -7.10 -15.90
N TRP A 920 -7.79 -7.50 -14.68
CA TRP A 920 -8.63 -8.41 -13.90
C TRP A 920 -10.00 -7.81 -13.60
N ARG A 921 -10.10 -6.49 -13.53
CA ARG A 921 -11.41 -5.88 -13.36
C ARG A 921 -12.30 -6.11 -14.57
N LYS A 922 -11.73 -5.98 -15.77
CA LYS A 922 -12.50 -6.27 -16.98
C LYS A 922 -12.86 -7.74 -17.06
N ASN A 923 -11.97 -8.63 -16.61
CA ASN A 923 -12.31 -10.03 -16.55
C ASN A 923 -13.48 -10.27 -15.60
N GLU A 924 -13.48 -9.58 -14.46
CA GLU A 924 -14.60 -9.71 -13.53
C GLU A 924 -15.90 -9.25 -14.17
N PHE A 925 -15.86 -8.13 -14.89
CA PHE A 925 -17.07 -7.64 -15.54
C PHE A 925 -17.53 -8.61 -16.63
N LYS A 926 -16.60 -9.18 -17.39
CA LYS A 926 -16.98 -10.15 -18.40
C LYS A 926 -17.64 -11.37 -17.75
N LYS A 927 -17.06 -11.84 -16.64
CA LYS A 927 -17.70 -12.90 -15.88
C LYS A 927 -19.12 -12.51 -15.48
N TRP A 928 -19.30 -11.27 -15.04
CA TRP A 928 -20.63 -10.79 -14.71
C TRP A 928 -21.58 -10.92 -15.89
N THR A 929 -21.13 -10.45 -17.06
CA THR A 929 -21.99 -10.46 -18.24
C THR A 929 -22.33 -11.88 -18.67
N LYS A 930 -21.45 -12.84 -18.41
CA LYS A 930 -21.74 -14.21 -18.82
C LYS A 930 -22.80 -14.87 -17.95
N LEU A 931 -22.98 -14.40 -16.72
CA LEU A 931 -24.02 -14.95 -15.86
C LEU A 931 -25.40 -14.63 -16.44
N ALA A 932 -26.28 -15.62 -16.43
CA ALA A 932 -27.62 -15.50 -17.02
C ALA A 932 -28.64 -15.59 -15.89
N SER A 933 -28.89 -14.44 -15.25
CA SER A 933 -29.96 -14.22 -14.27
C SER A 933 -29.55 -13.04 -13.40
N GLN A 934 -28.33 -13.08 -12.88
CA GLN A 934 -27.76 -11.94 -12.16
C GLN A 934 -27.01 -10.99 -13.09
N GLY A 935 -26.79 -11.37 -14.34
CA GLY A 935 -26.20 -10.51 -15.34
C GLY A 935 -27.18 -9.95 -16.35
N ARG A 936 -28.49 -10.05 -16.10
CA ARG A 936 -29.48 -9.60 -17.04
C ARG A 936 -29.25 -8.15 -17.43
N GLY A 937 -28.92 -7.90 -18.69
CA GLY A 937 -28.75 -6.55 -19.16
C GLY A 937 -27.71 -5.76 -18.41
N ILE A 938 -26.75 -6.43 -17.78
CA ILE A 938 -25.69 -5.70 -17.08
C ILE A 938 -24.73 -5.05 -18.06
N VAL A 939 -24.69 -5.52 -19.30
CA VAL A 939 -23.77 -4.97 -20.29
C VAL A 939 -24.08 -3.50 -20.57
N ASN A 940 -25.28 -3.04 -20.27
CA ASN A 940 -25.61 -1.63 -20.43
C ASN A 940 -24.84 -0.73 -19.48
N PHE A 941 -24.18 -1.30 -18.47
CA PHE A 941 -23.36 -0.53 -17.53
C PHE A 941 -21.88 -0.81 -17.75
N GLU A 942 -21.49 -0.98 -19.02
CA GLU A 942 -20.12 -1.39 -19.33
C GLU A 942 -19.12 -0.37 -18.81
N ARG A 943 -19.15 0.85 -19.34
CA ARG A 943 -18.21 1.90 -18.95
C ARG A 943 -18.96 3.22 -18.78
N ASP A 944 -20.10 3.17 -18.11
CA ASP A 944 -21.00 4.31 -18.01
C ASP A 944 -20.76 5.03 -16.68
N LYS A 945 -20.27 6.26 -16.75
CA LYS A 945 -20.11 7.09 -15.57
C LYS A 945 -21.36 7.92 -15.28
N ILE A 946 -22.27 8.03 -16.24
CA ILE A 946 -23.51 8.79 -16.05
C ILE A 946 -24.69 7.87 -15.73
N SER A 947 -24.49 6.56 -15.77
CA SER A 947 -25.48 5.60 -15.31
C SER A 947 -25.09 4.96 -13.99
N ASN A 948 -23.84 5.12 -13.56
CA ASN A 948 -23.35 4.60 -12.28
C ASN A 948 -22.86 5.71 -11.37
N HIS A 949 -23.31 6.94 -11.61
CA HIS A 949 -22.86 8.07 -10.81
C HIS A 949 -23.26 7.93 -9.35
N TRP A 950 -24.34 7.19 -9.07
CA TRP A 950 -24.82 7.07 -7.70
C TRP A 950 -23.91 6.17 -6.86
N ILE A 951 -23.33 5.13 -7.46
CA ILE A 951 -22.50 4.21 -6.69
C ILE A 951 -21.29 4.94 -6.11
N GLN A 952 -20.77 5.94 -6.82
CA GLN A 952 -19.62 6.69 -6.36
C GLN A 952 -20.03 7.84 -5.44
N TYR A 953 -21.10 8.55 -5.79
CA TYR A 953 -21.56 9.72 -5.04
C TYR A 953 -22.96 9.42 -4.54
N TYR A 954 -23.02 8.77 -3.38
CA TYR A 954 -24.26 8.28 -2.78
C TYR A 954 -24.63 9.03 -1.51
N ARG A 955 -24.07 10.22 -1.30
CA ARG A 955 -24.16 10.87 0.00
C ARG A 955 -25.61 11.03 0.45
N ARG A 956 -26.40 11.80 -0.29
CA ARG A 956 -27.75 12.13 0.13
C ARG A 956 -28.77 11.16 -0.46
N ILE A 957 -28.59 9.88 -0.09
CA ILE A 957 -29.54 8.84 -0.45
C ILE A 957 -29.70 7.92 0.75
N PRO A 958 -30.92 7.65 1.20
CA PRO A 958 -31.09 6.70 2.32
C PRO A 958 -30.43 5.37 1.97
N HIS A 959 -29.60 4.88 2.89
CA HIS A 959 -28.87 3.65 2.61
C HIS A 959 -29.81 2.48 2.37
N ARG A 960 -30.98 2.49 3.01
CA ARG A 960 -31.97 1.46 2.71
C ARG A 960 -32.34 1.47 1.24
N LYS A 961 -32.22 2.64 0.59
CA LYS A 961 -32.45 2.73 -0.85
C LYS A 961 -31.23 2.24 -1.63
N LEU A 962 -30.03 2.59 -1.17
CA LEU A 962 -28.81 2.23 -1.91
C LEU A 962 -28.60 0.73 -1.94
N LEU A 963 -28.82 0.05 -0.81
CA LEU A 963 -28.63 -1.40 -0.79
C LEU A 963 -29.65 -2.09 -1.69
N THR A 964 -30.88 -1.60 -1.73
CA THR A 964 -31.86 -2.17 -2.64
C THR A 964 -31.47 -1.89 -4.09
N ALA A 965 -30.88 -0.73 -4.36
CA ALA A 965 -30.38 -0.47 -5.71
C ALA A 965 -29.29 -1.45 -6.08
N LEU A 966 -28.37 -1.72 -5.16
CA LEU A 966 -27.33 -2.71 -5.42
C LEU A 966 -27.95 -4.08 -5.68
N GLN A 967 -28.92 -4.48 -4.87
CA GLN A 967 -29.56 -5.77 -5.08
C GLN A 967 -30.25 -5.83 -6.45
N LEU A 968 -30.87 -4.73 -6.87
CA LEU A 968 -31.49 -4.69 -8.18
C LEU A 968 -30.46 -4.83 -9.29
N ARG A 969 -29.32 -4.16 -9.14
CA ARG A 969 -28.30 -4.23 -10.18
C ARG A 969 -27.72 -5.63 -10.33
N ALA A 970 -27.83 -6.47 -9.30
CA ALA A 970 -27.35 -7.84 -9.35
C ALA A 970 -28.48 -8.86 -9.37
N ASN A 971 -29.73 -8.41 -9.47
CA ASN A 971 -30.88 -9.32 -9.50
C ASN A 971 -30.83 -10.29 -8.33
N VAL A 972 -30.54 -9.76 -7.14
CA VAL A 972 -30.50 -10.55 -5.93
C VAL A 972 -31.49 -10.02 -4.90
N TYR A 973 -32.41 -9.15 -5.31
CA TYR A 973 -33.46 -8.71 -4.40
C TYR A 973 -34.34 -9.91 -4.03
N PRO A 974 -34.75 -10.04 -2.77
CA PRO A 974 -35.49 -11.24 -2.37
C PRO A 974 -36.89 -11.30 -2.97
N THR A 975 -36.99 -11.31 -4.30
CA THR A 975 -38.25 -11.62 -4.95
C THR A 975 -38.42 -13.13 -5.04
N ARG A 976 -39.68 -13.57 -5.07
CA ARG A 976 -39.93 -15.01 -5.13
C ARG A 976 -39.24 -15.66 -6.32
N GLU A 977 -39.07 -14.92 -7.41
CA GLU A 977 -38.28 -15.45 -8.53
C GLU A 977 -36.84 -15.71 -8.11
N PHE A 978 -36.25 -14.79 -7.37
CA PHE A 978 -34.87 -15.00 -6.92
C PHE A 978 -34.80 -16.02 -5.79
N LEU A 979 -35.78 -16.01 -4.89
CA LEU A 979 -35.76 -16.97 -3.79
C LEU A 979 -35.82 -18.40 -4.31
N ALA A 980 -36.64 -18.63 -5.33
CA ALA A 980 -36.73 -19.94 -5.98
C ALA A 980 -35.73 -20.07 -7.11
N ARG A 981 -34.48 -19.77 -6.81
CA ARG A 981 -33.38 -19.90 -7.76
C ARG A 981 -32.61 -21.18 -7.48
N GLY A 982 -32.46 -22.01 -8.50
CA GLY A 982 -31.80 -23.29 -8.32
C GLY A 982 -32.71 -24.31 -7.67
N ARG A 983 -33.25 -23.96 -6.51
CA ARG A 983 -34.26 -24.81 -5.88
C ARG A 983 -35.39 -25.08 -6.86
N GLN A 984 -35.74 -24.10 -7.68
CA GLN A 984 -36.64 -24.27 -8.83
C GLN A 984 -37.98 -24.80 -8.31
N ASP A 985 -38.45 -25.97 -8.77
CA ASP A 985 -39.77 -26.46 -8.39
C ASP A 985 -40.03 -26.38 -6.89
N GLN A 986 -38.97 -26.35 -6.08
CA GLN A 986 -39.14 -26.41 -4.63
C GLN A 986 -40.16 -25.39 -4.14
N TYR A 987 -40.17 -24.20 -4.75
CA TYR A 987 -41.09 -23.15 -4.34
C TYR A 987 -41.79 -22.55 -5.56
N ILE A 988 -42.69 -21.61 -5.30
CA ILE A 988 -43.52 -20.98 -6.33
C ILE A 988 -42.92 -19.62 -6.67
N LYS A 989 -42.84 -19.33 -7.96
CA LYS A 989 -42.33 -18.05 -8.44
C LYS A 989 -43.44 -17.09 -8.83
N ALA A 990 -44.71 -17.46 -8.63
CA ALA A 990 -45.81 -16.60 -9.03
C ALA A 990 -45.82 -15.32 -8.21
N CYS A 991 -46.31 -14.25 -8.83
CA CYS A 991 -46.35 -12.96 -8.16
C CYS A 991 -47.22 -13.04 -6.91
N ARG A 992 -46.74 -12.44 -5.82
CA ARG A 992 -47.47 -12.47 -4.57
C ARG A 992 -48.68 -11.55 -4.57
N HIS A 993 -48.68 -10.52 -5.41
CA HIS A 993 -49.78 -9.56 -5.47
C HIS A 993 -50.74 -9.86 -6.62
N CYS A 994 -50.24 -9.89 -7.85
CA CYS A 994 -51.00 -10.38 -8.99
C CYS A 994 -50.73 -11.88 -9.12
N ASP A 995 -51.15 -12.47 -10.24
CA ASP A 995 -51.01 -13.90 -10.46
C ASP A 995 -50.09 -14.23 -11.63
N ALA A 996 -49.08 -13.37 -11.86
CA ALA A 996 -48.20 -13.57 -12.99
C ALA A 996 -47.28 -14.76 -12.77
N ASP A 997 -46.78 -15.29 -13.88
CA ASP A 997 -45.98 -16.52 -13.82
C ASP A 997 -44.75 -16.35 -12.96
N ILE A 998 -43.95 -15.31 -13.23
CA ILE A 998 -42.66 -15.11 -12.59
C ILE A 998 -42.66 -13.74 -11.92
N GLU A 999 -42.33 -13.72 -10.63
CA GLU A 999 -42.21 -12.47 -9.89
C GLU A 999 -40.78 -11.93 -10.00
N SER A 1000 -40.37 -11.69 -11.23
CA SER A 1000 -39.03 -11.18 -11.48
C SER A 1000 -38.93 -9.73 -11.01
N CYS A 1001 -37.69 -9.30 -10.75
CA CYS A 1001 -37.47 -7.91 -10.39
C CYS A 1001 -37.94 -6.96 -11.49
N ALA A 1002 -38.02 -7.44 -12.73
CA ALA A 1002 -38.55 -6.62 -13.81
C ALA A 1002 -40.07 -6.50 -13.73
N HIS A 1003 -40.75 -7.59 -13.34
CA HIS A 1003 -42.19 -7.52 -13.13
C HIS A 1003 -42.57 -6.45 -12.11
N ILE A 1004 -41.93 -6.48 -10.94
CA ILE A 1004 -42.32 -5.58 -9.86
C ILE A 1004 -42.24 -4.14 -10.33
N ILE A 1005 -41.24 -3.82 -11.16
CA ILE A 1005 -41.00 -2.44 -11.54
C ILE A 1005 -41.78 -2.04 -12.80
N GLY A 1006 -42.12 -2.99 -13.66
CA GLY A 1006 -42.69 -2.64 -14.95
C GLY A 1006 -44.10 -3.15 -15.22
N ASN A 1007 -44.44 -4.33 -14.73
CA ASN A 1007 -45.66 -5.02 -15.17
C ASN A 1007 -46.76 -5.09 -14.12
N CYS A 1008 -46.42 -5.30 -12.85
CA CYS A 1008 -47.44 -5.61 -11.87
C CYS A 1008 -48.47 -4.49 -11.79
N PRO A 1009 -49.76 -4.79 -11.89
CA PRO A 1009 -50.77 -3.72 -11.77
C PRO A 1009 -50.72 -3.00 -10.45
N VAL A 1010 -50.32 -3.68 -9.37
CA VAL A 1010 -50.35 -3.06 -8.05
C VAL A 1010 -49.51 -1.80 -8.03
N THR A 1011 -48.32 -1.84 -8.61
CA THR A 1011 -47.40 -0.71 -8.61
C THR A 1011 -47.69 0.26 -9.74
N GLN A 1012 -48.76 0.04 -10.51
CA GLN A 1012 -49.01 0.90 -11.65
C GLN A 1012 -49.03 2.37 -11.25
N ASP A 1013 -49.74 2.69 -10.17
CA ASP A 1013 -49.76 4.07 -9.70
C ASP A 1013 -48.35 4.61 -9.57
N ALA A 1014 -47.50 3.92 -8.80
CA ALA A 1014 -46.14 4.41 -8.63
C ALA A 1014 -45.46 4.57 -9.98
N ARG A 1015 -45.61 3.58 -10.86
CA ARG A 1015 -45.02 3.69 -12.19
C ARG A 1015 -45.46 4.99 -12.84
N ILE A 1016 -46.76 5.23 -12.89
CA ILE A 1016 -47.25 6.45 -13.53
C ILE A 1016 -46.59 7.65 -12.89
N LYS A 1017 -46.59 7.71 -11.56
CA LYS A 1017 -45.99 8.86 -10.91
C LYS A 1017 -44.56 9.04 -11.39
N ARG A 1018 -43.77 7.98 -11.32
CA ARG A 1018 -42.38 8.08 -11.76
C ARG A 1018 -42.33 8.60 -13.19
N HIS A 1019 -43.10 7.99 -14.08
CA HIS A 1019 -43.06 8.41 -15.47
C HIS A 1019 -43.36 9.90 -15.56
N ASN A 1020 -44.47 10.33 -14.95
CA ASN A 1020 -44.81 11.74 -15.03
C ASN A 1020 -43.72 12.59 -14.42
N TYR A 1021 -43.18 12.15 -13.28
CA TYR A 1021 -42.11 12.92 -12.67
C TYR A 1021 -40.97 13.14 -13.64
N ILE A 1022 -40.54 12.08 -14.33
CA ILE A 1022 -39.46 12.25 -15.29
C ILE A 1022 -39.86 13.24 -16.36
N CYS A 1023 -41.08 13.09 -16.89
CA CYS A 1023 -41.55 14.04 -17.87
C CYS A 1023 -41.44 15.45 -17.33
N GLU A 1024 -41.91 15.65 -16.09
CA GLU A 1024 -41.87 16.99 -15.52
C GLU A 1024 -40.44 17.51 -15.49
N LEU A 1025 -39.49 16.68 -15.08
CA LEU A 1025 -38.11 17.13 -15.09
C LEU A 1025 -37.71 17.60 -16.47
N LEU A 1026 -37.94 16.76 -17.49
CA LEU A 1026 -37.62 17.18 -18.84
C LEU A 1026 -38.36 18.45 -19.18
N LEU A 1027 -39.66 18.49 -18.85
CA LEU A 1027 -40.43 19.70 -19.05
C LEU A 1027 -39.67 20.91 -18.49
N GLU A 1028 -39.34 20.86 -17.20
CA GLU A 1028 -38.69 22.02 -16.61
C GLU A 1028 -37.40 22.34 -17.36
N GLU A 1029 -36.62 21.31 -17.70
CA GLU A 1029 -35.37 21.57 -18.40
C GLU A 1029 -35.64 22.32 -19.69
N ALA A 1030 -36.60 21.85 -20.48
CA ALA A 1030 -36.89 22.54 -21.73
C ALA A 1030 -37.33 23.98 -21.46
N LYS A 1031 -38.12 24.18 -20.41
CA LYS A 1031 -38.58 25.53 -20.10
C LYS A 1031 -37.41 26.44 -19.72
N LYS A 1032 -36.35 25.88 -19.13
CA LYS A 1032 -35.20 26.71 -18.81
C LYS A 1032 -34.55 27.26 -20.07
N LYS A 1033 -34.80 26.64 -21.22
CA LYS A 1033 -34.30 27.15 -22.50
C LYS A 1033 -35.38 27.88 -23.29
N ASP A 1034 -36.51 28.20 -22.65
CA ASP A 1034 -37.56 29.00 -23.27
C ASP A 1034 -38.22 28.27 -24.44
N TRP A 1035 -38.53 27.00 -24.23
CA TRP A 1035 -39.33 26.22 -25.17
C TRP A 1035 -40.78 26.20 -24.70
N VAL A 1036 -41.70 26.28 -25.65
CA VAL A 1036 -43.11 26.08 -25.34
C VAL A 1036 -43.37 24.60 -25.24
N VAL A 1037 -44.26 24.22 -24.32
CA VAL A 1037 -44.49 22.82 -23.99
C VAL A 1037 -45.99 22.52 -24.10
N PHE A 1038 -46.32 21.39 -24.70
CA PHE A 1038 -47.68 20.89 -24.79
C PHE A 1038 -47.70 19.57 -24.03
N LYS A 1039 -47.90 19.64 -22.71
CA LYS A 1039 -47.85 18.45 -21.88
C LYS A 1039 -49.03 17.54 -22.21
N GLU A 1040 -48.73 16.32 -22.62
CA GLU A 1040 -49.73 15.30 -22.93
C GLU A 1040 -50.84 15.89 -23.81
N PRO A 1041 -50.52 16.32 -25.02
CA PRO A 1041 -51.55 16.88 -25.90
C PRO A 1041 -52.48 15.80 -26.41
N HIS A 1042 -53.67 16.22 -26.81
CA HIS A 1042 -54.71 15.32 -27.30
C HIS A 1042 -54.77 15.48 -28.82
N ILE A 1043 -54.07 14.58 -29.53
CA ILE A 1043 -54.02 14.59 -30.98
C ILE A 1043 -54.82 13.41 -31.50
N ARG A 1044 -55.47 13.60 -32.64
CA ARG A 1044 -56.33 12.57 -33.22
C ARG A 1044 -56.04 12.42 -34.71
N ASP A 1045 -56.03 11.18 -35.17
CA ASP A 1045 -55.79 10.83 -36.55
C ASP A 1045 -57.10 10.50 -37.25
N SER A 1046 -57.01 9.98 -38.48
CA SER A 1046 -58.20 9.63 -39.23
C SER A 1046 -59.04 8.59 -38.49
N ASN A 1047 -58.38 7.60 -37.89
CA ASN A 1047 -59.07 6.54 -37.17
C ASN A 1047 -59.55 6.96 -35.79
N LYS A 1048 -59.49 8.24 -35.47
CA LYS A 1048 -59.89 8.75 -34.15
C LYS A 1048 -59.09 8.09 -33.04
N GLU A 1049 -57.88 7.63 -33.36
CA GLU A 1049 -57.01 6.98 -32.39
C GLU A 1049 -56.21 8.05 -31.68
N LEU A 1050 -56.69 8.46 -30.51
CA LEU A 1050 -56.05 9.54 -29.77
C LEU A 1050 -54.69 9.08 -29.25
N TYR A 1051 -53.62 9.66 -29.80
CA TYR A 1051 -52.27 9.46 -29.29
C TYR A 1051 -51.90 10.61 -28.38
N LYS A 1052 -51.11 10.30 -27.36
CA LYS A 1052 -50.77 11.26 -26.29
C LYS A 1052 -49.25 11.28 -26.11
N PRO A 1053 -48.53 11.97 -26.98
CA PRO A 1053 -47.08 12.08 -26.79
C PRO A 1053 -46.77 12.84 -25.50
N ASP A 1054 -45.91 12.26 -24.67
CA ASP A 1054 -45.70 12.78 -23.33
C ASP A 1054 -45.38 14.27 -23.34
N LEU A 1055 -44.41 14.67 -24.16
CA LEU A 1055 -43.98 16.06 -24.20
C LEU A 1055 -43.87 16.52 -25.65
N ILE A 1056 -44.01 17.82 -25.86
CA ILE A 1056 -43.83 18.44 -27.16
C ILE A 1056 -43.19 19.80 -26.92
N PHE A 1057 -41.90 19.93 -27.21
CA PHE A 1057 -41.19 21.18 -27.05
C PHE A 1057 -41.21 21.96 -28.36
N VAL A 1058 -41.51 23.25 -28.29
CA VAL A 1058 -41.53 24.11 -29.47
C VAL A 1058 -40.75 25.38 -29.17
N LYS A 1059 -39.85 25.74 -30.08
CA LYS A 1059 -39.10 26.99 -29.98
C LYS A 1059 -38.58 27.35 -31.36
N ASP A 1060 -39.04 28.48 -31.89
CA ASP A 1060 -38.58 29.00 -33.18
C ASP A 1060 -38.82 27.99 -34.30
N ALA A 1061 -40.10 27.73 -34.55
CA ALA A 1061 -40.53 26.90 -35.67
C ALA A 1061 -39.86 25.53 -35.65
N ARG A 1062 -40.16 24.78 -34.58
CA ARG A 1062 -39.68 23.41 -34.44
C ARG A 1062 -40.56 22.70 -33.43
N ALA A 1063 -40.76 21.40 -33.65
CA ALA A 1063 -41.64 20.60 -32.80
C ALA A 1063 -40.91 19.31 -32.43
N LEU A 1064 -40.31 19.30 -31.23
CA LEU A 1064 -39.64 18.13 -30.68
C LEU A 1064 -40.68 17.34 -29.91
N VAL A 1065 -41.37 16.45 -30.61
CA VAL A 1065 -42.22 15.48 -29.93
C VAL A 1065 -41.32 14.49 -29.20
N VAL A 1066 -41.59 14.26 -27.93
CA VAL A 1066 -40.76 13.40 -27.08
C VAL A 1066 -41.68 12.49 -26.30
N ASP A 1067 -41.34 11.20 -26.25
CA ASP A 1067 -42.08 10.24 -25.43
C ASP A 1067 -41.13 9.57 -24.45
N VAL A 1068 -41.37 9.76 -23.17
CA VAL A 1068 -40.54 9.20 -22.11
C VAL A 1068 -40.99 7.78 -21.82
N THR A 1069 -40.03 6.91 -21.52
CA THR A 1069 -40.35 5.53 -21.15
C THR A 1069 -39.24 4.98 -20.29
N VAL A 1070 -39.60 4.50 -19.09
CA VAL A 1070 -38.63 3.90 -18.17
C VAL A 1070 -38.78 2.39 -18.33
N ARG A 1071 -37.93 1.80 -19.15
CA ARG A 1071 -37.99 0.38 -19.49
C ARG A 1071 -36.86 -0.37 -18.79
N TYR A 1072 -37.20 -1.50 -18.17
CA TYR A 1072 -36.18 -2.37 -17.62
C TYR A 1072 -35.23 -2.83 -18.71
N GLU A 1073 -33.93 -2.75 -18.44
CA GLU A 1073 -32.92 -3.06 -19.45
C GLU A 1073 -32.50 -4.52 -19.30
N ALA A 1074 -32.99 -5.36 -20.21
CA ALA A 1074 -32.68 -6.78 -20.21
C ALA A 1074 -31.78 -7.18 -21.37
N ALA A 1075 -31.15 -6.21 -22.04
CA ALA A 1075 -30.27 -6.50 -23.16
C ALA A 1075 -29.61 -5.20 -23.59
N LYS A 1076 -28.51 -5.33 -24.33
CA LYS A 1076 -27.79 -4.16 -24.81
C LYS A 1076 -28.62 -3.31 -25.75
N SER A 1077 -29.62 -3.90 -26.40
CA SER A 1077 -30.45 -3.21 -27.38
C SER A 1077 -31.90 -3.12 -26.89
N SER A 1078 -32.08 -2.80 -25.62
CA SER A 1078 -33.42 -2.67 -25.04
C SER A 1078 -33.94 -1.24 -25.14
N LEU A 1079 -33.15 -0.27 -24.67
CA LEU A 1079 -33.56 1.12 -24.77
C LEU A 1079 -33.67 1.56 -26.22
N GLU A 1080 -32.76 1.09 -27.07
CA GLU A 1080 -32.87 1.39 -28.50
C GLU A 1080 -34.20 0.90 -29.06
N GLU A 1081 -34.60 -0.32 -28.69
CA GLU A 1081 -35.87 -0.85 -29.18
C GLU A 1081 -37.04 0.00 -28.69
N ALA A 1082 -37.01 0.43 -27.43
CA ALA A 1082 -38.11 1.24 -26.91
C ALA A 1082 -38.19 2.58 -27.65
N ALA A 1083 -37.04 3.23 -27.86
CA ALA A 1083 -37.05 4.50 -28.59
C ALA A 1083 -37.57 4.31 -30.01
N ALA A 1084 -37.14 3.24 -30.67
CA ALA A 1084 -37.64 2.96 -32.02
C ALA A 1084 -39.14 2.74 -32.01
N GLU A 1085 -39.64 2.02 -31.01
CA GLU A 1085 -41.08 1.77 -30.92
C GLU A 1085 -41.84 3.08 -30.77
N LYS A 1086 -41.36 3.97 -29.89
CA LYS A 1086 -42.04 5.24 -29.70
C LYS A 1086 -42.00 6.08 -30.97
N VAL A 1087 -40.85 6.15 -31.62
CA VAL A 1087 -40.74 6.97 -32.83
C VAL A 1087 -41.59 6.40 -33.95
N ARG A 1088 -41.76 5.08 -33.99
CA ARG A 1088 -42.58 4.48 -35.04
C ARG A 1088 -44.07 4.62 -34.76
N LYS A 1089 -44.48 4.61 -33.49
CA LYS A 1089 -45.90 4.69 -33.16
C LYS A 1089 -46.41 6.12 -33.17
N TYR A 1090 -45.53 7.12 -33.20
CA TYR A 1090 -45.94 8.53 -33.30
C TYR A 1090 -45.55 9.17 -34.62
N LYS A 1091 -44.93 8.44 -35.54
CA LYS A 1091 -44.59 9.02 -36.83
C LYS A 1091 -45.81 9.24 -37.71
N HIS A 1092 -46.97 8.73 -37.31
CA HIS A 1092 -48.18 8.96 -38.10
C HIS A 1092 -48.55 10.44 -38.11
N LEU A 1093 -48.42 11.11 -36.96
CA LEU A 1093 -48.89 12.48 -36.80
C LEU A 1093 -47.81 13.45 -37.24
N GLU A 1094 -47.87 13.89 -38.50
CA GLU A 1094 -47.00 14.94 -38.99
C GLU A 1094 -47.80 16.20 -39.35
N THR A 1095 -48.82 16.06 -40.19
CA THR A 1095 -49.69 17.19 -40.50
C THR A 1095 -50.67 17.53 -39.38
N GLU A 1096 -50.76 16.68 -38.36
CA GLU A 1096 -51.56 16.97 -37.17
C GLU A 1096 -50.74 17.73 -36.13
N VAL A 1097 -49.51 17.27 -35.90
CA VAL A 1097 -48.61 17.99 -35.02
C VAL A 1097 -48.30 19.36 -35.60
N ARG A 1098 -48.24 19.46 -36.93
CA ARG A 1098 -48.04 20.76 -37.54
C ARG A 1098 -49.17 21.71 -37.21
N HIS A 1099 -50.42 21.22 -37.30
CA HIS A 1099 -51.57 22.07 -36.97
C HIS A 1099 -51.50 22.51 -35.51
N LEU A 1100 -51.21 21.58 -34.61
CA LEU A 1100 -51.26 21.93 -33.19
C LEU A 1100 -50.10 22.85 -32.79
N THR A 1101 -48.88 22.52 -33.21
CA THR A 1101 -47.69 23.19 -32.72
C THR A 1101 -47.33 24.46 -33.49
N ASN A 1102 -47.87 24.66 -34.69
CA ASN A 1102 -47.51 25.80 -35.53
C ASN A 1102 -46.00 25.80 -35.83
N ALA A 1103 -45.58 24.74 -36.50
CA ALA A 1103 -44.17 24.60 -36.90
C ALA A 1103 -44.09 23.61 -38.05
N LYS A 1104 -42.95 23.61 -38.72
CA LYS A 1104 -42.71 22.74 -39.86
C LYS A 1104 -41.72 21.62 -39.59
N ASP A 1105 -40.80 21.80 -38.64
CA ASP A 1105 -39.81 20.78 -38.30
C ASP A 1105 -40.37 19.90 -37.20
N VAL A 1106 -41.04 18.80 -37.62
CA VAL A 1106 -41.70 17.89 -36.68
C VAL A 1106 -40.72 16.74 -36.42
N THR A 1107 -39.84 16.94 -35.45
CA THR A 1107 -38.97 15.87 -35.00
C THR A 1107 -39.70 14.96 -34.01
N PHE A 1108 -39.28 13.70 -33.99
CA PHE A 1108 -39.92 12.65 -33.19
C PHE A 1108 -38.84 11.89 -32.46
N VAL A 1109 -38.85 11.95 -31.13
CA VAL A 1109 -37.79 11.36 -30.33
C VAL A 1109 -38.40 10.53 -29.19
N GLY A 1110 -37.78 9.38 -28.95
CA GLY A 1110 -38.08 8.55 -27.79
C GLY A 1110 -37.01 8.78 -26.74
N PHE A 1111 -37.46 8.88 -25.49
CA PHE A 1111 -36.60 9.14 -24.35
C PHE A 1111 -36.62 7.88 -23.49
N PRO A 1112 -35.85 6.86 -23.86
CA PRO A 1112 -35.76 5.67 -23.01
C PRO A 1112 -34.84 5.90 -21.82
N LEU A 1113 -35.24 5.33 -20.69
CA LEU A 1113 -34.45 5.35 -19.47
C LEU A 1113 -34.45 3.94 -18.90
N GLY A 1114 -33.40 3.60 -18.16
CA GLY A 1114 -33.30 2.28 -17.57
C GLY A 1114 -34.01 2.24 -16.24
N ALA A 1115 -34.80 1.19 -16.02
CA ALA A 1115 -35.45 1.04 -14.72
C ALA A 1115 -34.43 0.94 -13.60
N ARG A 1116 -33.22 0.47 -13.91
CA ARG A 1116 -32.14 0.37 -12.94
C ARG A 1116 -31.15 1.51 -13.07
N GLY A 1117 -31.51 2.58 -13.79
CA GLY A 1117 -30.67 3.74 -13.88
C GLY A 1117 -29.74 3.77 -15.07
N LYS A 1118 -30.14 3.18 -16.19
CA LYS A 1118 -29.34 3.22 -17.40
C LYS A 1118 -29.75 4.42 -18.23
N TRP A 1119 -28.78 5.27 -18.55
CA TRP A 1119 -29.01 6.48 -19.33
C TRP A 1119 -28.67 6.18 -20.79
N HIS A 1120 -29.69 6.14 -21.63
CA HIS A 1120 -29.46 5.95 -23.06
C HIS A 1120 -28.58 7.08 -23.58
N GLN A 1121 -27.53 6.71 -24.32
CA GLN A 1121 -26.58 7.72 -24.79
C GLN A 1121 -27.22 8.65 -25.81
N ASP A 1122 -28.06 8.10 -26.70
CA ASP A 1122 -28.67 8.92 -27.74
C ASP A 1122 -29.62 9.96 -27.18
N ASN A 1123 -30.02 9.84 -25.92
CA ASN A 1123 -30.82 10.91 -25.32
C ASN A 1123 -30.07 12.23 -25.33
N PHE A 1124 -28.74 12.18 -25.32
CA PHE A 1124 -27.98 13.43 -25.43
C PHE A 1124 -28.41 14.23 -26.65
N LYS A 1125 -28.70 13.55 -27.76
CA LYS A 1125 -29.17 14.27 -28.94
C LYS A 1125 -30.35 15.16 -28.59
N LEU A 1126 -31.36 14.61 -27.92
CA LEU A 1126 -32.49 15.43 -27.52
C LEU A 1126 -32.03 16.55 -26.61
N LEU A 1127 -31.21 16.22 -25.61
CA LEU A 1127 -30.77 17.25 -24.68
C LEU A 1127 -29.96 18.31 -25.41
N THR A 1128 -29.34 17.95 -26.53
CA THR A 1128 -28.61 18.95 -27.31
C THR A 1128 -29.58 19.82 -28.11
N GLU A 1129 -30.62 19.21 -28.67
CA GLU A 1129 -31.58 19.99 -29.45
C GLU A 1129 -32.28 21.02 -28.57
N LEU A 1130 -32.49 20.71 -27.30
CA LEU A 1130 -33.10 21.67 -26.39
C LEU A 1130 -32.19 22.85 -26.09
N GLY A 1131 -30.90 22.73 -26.38
CA GLY A 1131 -29.96 23.80 -26.14
C GLY A 1131 -29.20 23.72 -24.85
N LEU A 1132 -29.27 22.60 -24.13
CA LEU A 1132 -28.53 22.44 -22.90
C LEU A 1132 -27.02 22.44 -23.18
N SER A 1133 -26.26 22.93 -22.22
CA SER A 1133 -24.81 22.92 -22.33
C SER A 1133 -24.30 21.48 -22.25
N LYS A 1134 -22.99 21.32 -22.38
CA LYS A 1134 -22.37 20.00 -22.29
C LYS A 1134 -21.98 19.63 -20.87
N SER A 1135 -22.15 20.53 -19.91
CA SER A 1135 -22.00 20.22 -18.50
C SER A 1135 -23.35 20.02 -17.83
N ARG A 1136 -24.32 20.90 -18.12
CA ARG A 1136 -25.68 20.66 -17.67
C ARG A 1136 -26.26 19.41 -18.32
N GLN A 1137 -25.79 19.05 -19.51
CA GLN A 1137 -26.24 17.80 -20.13
C GLN A 1137 -25.86 16.61 -19.27
N VAL A 1138 -24.60 16.56 -18.83
CA VAL A 1138 -24.15 15.43 -18.01
C VAL A 1138 -24.82 15.45 -16.64
N LYS A 1139 -24.97 16.64 -16.06
CA LYS A 1139 -25.64 16.74 -14.77
C LYS A 1139 -27.07 16.24 -14.87
N MET A 1140 -27.78 16.62 -15.92
CA MET A 1140 -29.16 16.17 -16.08
C MET A 1140 -29.23 14.68 -16.40
N ALA A 1141 -28.25 14.15 -17.15
CA ALA A 1141 -28.21 12.71 -17.38
C ALA A 1141 -28.04 11.95 -16.07
N GLU A 1142 -27.13 12.41 -15.22
CA GLU A 1142 -26.95 11.78 -13.92
C GLU A 1142 -28.22 11.89 -13.08
N THR A 1143 -28.86 13.06 -13.09
CA THR A 1143 -30.09 13.24 -12.33
C THR A 1143 -31.18 12.30 -12.83
N PHE A 1144 -31.31 12.16 -14.16
CA PHE A 1144 -32.32 11.27 -14.71
C PHE A 1144 -32.06 9.82 -14.35
N SER A 1145 -30.80 9.38 -14.44
CA SER A 1145 -30.48 8.01 -14.09
C SER A 1145 -30.77 7.75 -12.63
N THR A 1146 -30.36 8.67 -11.75
CA THR A 1146 -30.61 8.50 -10.32
C THR A 1146 -32.11 8.47 -10.03
N VAL A 1147 -32.86 9.36 -10.68
CA VAL A 1147 -34.30 9.41 -10.46
C VAL A 1147 -34.94 8.10 -10.88
N ALA A 1148 -34.58 7.59 -12.06
CA ALA A 1148 -35.15 6.34 -12.54
C ALA A 1148 -34.81 5.19 -11.59
N LEU A 1149 -33.54 5.09 -11.19
CA LEU A 1149 -33.12 3.97 -10.36
C LEU A 1149 -33.82 4.01 -9.00
N PHE A 1150 -33.83 5.16 -8.36
CA PHE A 1150 -34.37 5.25 -7.01
C PHE A 1150 -35.86 5.51 -6.99
N SER A 1151 -36.50 5.60 -8.16
CA SER A 1151 -37.94 5.43 -8.26
C SER A 1151 -38.30 3.97 -8.44
N SER A 1152 -37.47 3.22 -9.17
CA SER A 1152 -37.66 1.77 -9.22
C SER A 1152 -37.47 1.15 -7.85
N VAL A 1153 -36.48 1.64 -7.09
CA VAL A 1153 -36.29 1.16 -5.73
C VAL A 1153 -37.53 1.41 -4.89
N ASP A 1154 -38.13 2.60 -5.04
CA ASP A 1154 -39.33 2.92 -4.28
C ASP A 1154 -40.51 2.04 -4.72
N ILE A 1155 -40.61 1.74 -6.01
CA ILE A 1155 -41.66 0.86 -6.49
C ILE A 1155 -41.51 -0.52 -5.84
N VAL A 1156 -40.28 -1.03 -5.82
CA VAL A 1156 -40.04 -2.34 -5.21
C VAL A 1156 -40.38 -2.30 -3.72
N HIS A 1157 -39.99 -1.23 -3.04
CA HIS A 1157 -40.30 -1.10 -1.62
C HIS A 1157 -41.81 -1.06 -1.39
N MET A 1158 -42.55 -0.33 -2.23
CA MET A 1158 -43.99 -0.28 -2.06
C MET A 1158 -44.61 -1.65 -2.28
N PHE A 1159 -44.11 -2.39 -3.28
CA PHE A 1159 -44.60 -3.74 -3.53
C PHE A 1159 -44.41 -4.61 -2.29
N ALA A 1160 -43.20 -4.60 -1.73
CA ALA A 1160 -42.94 -5.42 -0.55
C ALA A 1160 -43.73 -4.95 0.66
N SER A 1161 -43.92 -3.64 0.81
CA SER A 1161 -44.66 -3.11 1.94
C SER A 1161 -46.14 -3.43 1.85
N ARG A 1162 -46.70 -3.44 0.63
CA ARG A 1162 -48.08 -3.89 0.47
C ARG A 1162 -48.21 -5.36 0.85
N ALA A 1163 -47.23 -6.18 0.46
CA ALA A 1163 -47.26 -7.56 0.92
C ALA A 1163 -47.20 -7.64 2.44
N ARG A 1164 -46.34 -6.82 3.05
CA ARG A 1164 -46.22 -6.79 4.51
C ARG A 1164 -47.53 -6.41 5.17
N LYS A 1165 -48.19 -5.36 4.66
CA LYS A 1165 -49.42 -4.87 5.25
C LYS A 1165 -50.60 -5.78 4.97
N SER A 1166 -50.52 -6.63 3.94
CA SER A 1166 -51.60 -7.56 3.64
C SER A 1166 -51.45 -8.90 4.33
N MET A 1167 -50.22 -9.31 4.66
CA MET A 1167 -50.04 -10.60 5.31
C MET A 1167 -50.72 -10.63 6.68
N VAL A 1168 -50.62 -9.54 7.44
CA VAL A 1168 -51.17 -9.53 8.79
C VAL A 1168 -52.68 -9.74 8.76
N MET A 1169 -53.34 -9.35 7.68
CA MET A 1169 -54.78 -9.55 7.54
C MET A 1169 -55.10 -11.04 7.61
#